data_2MC7
# 
_entry.id   2MC7 
# 
_audit_conform.dict_name       mmcif_pdbx.dic 
_audit_conform.dict_version    5.391 
_audit_conform.dict_location   http://mmcif.pdb.org/dictionaries/ascii/mmcif_pdbx.dic 
# 
loop_
_database_2.database_id 
_database_2.database_code 
_database_2.pdbx_database_accession 
_database_2.pdbx_DOI 
PDB   2MC7         pdb_00002mc7 10.2210/pdb2mc7/pdb 
RCSB  RCSB103464   ?            ?                   
BMRB  19430        ?            10.13018/BMR19430   
WWPDB D_1000103464 ?            ?                   
# 
loop_
_pdbx_audit_revision_history.ordinal 
_pdbx_audit_revision_history.data_content_type 
_pdbx_audit_revision_history.major_revision 
_pdbx_audit_revision_history.minor_revision 
_pdbx_audit_revision_history.revision_date 
1 'Structure model' 1 0 2013-10-30 
2 'Structure model' 1 1 2013-11-06 
3 'Structure model' 1 2 2014-01-22 
4 'Structure model' 1 3 2024-05-01 
# 
_pdbx_audit_revision_details.ordinal             1 
_pdbx_audit_revision_details.revision_ordinal    1 
_pdbx_audit_revision_details.data_content_type   'Structure model' 
_pdbx_audit_revision_details.provider            repository 
_pdbx_audit_revision_details.type                'Initial release' 
_pdbx_audit_revision_details.description         ? 
_pdbx_audit_revision_details.details             ? 
# 
loop_
_pdbx_audit_revision_group.ordinal 
_pdbx_audit_revision_group.revision_ordinal 
_pdbx_audit_revision_group.data_content_type 
_pdbx_audit_revision_group.group 
1 2 'Structure model' 'Database references' 
2 3 'Structure model' 'Database references' 
3 4 'Structure model' 'Data collection'     
4 4 'Structure model' 'Database references' 
# 
loop_
_pdbx_audit_revision_category.ordinal 
_pdbx_audit_revision_category.revision_ordinal 
_pdbx_audit_revision_category.data_content_type 
_pdbx_audit_revision_category.category 
1 4 'Structure model' chem_comp_atom        
2 4 'Structure model' chem_comp_bond        
3 4 'Structure model' database_2            
4 4 'Structure model' pdbx_nmr_software     
5 4 'Structure model' pdbx_nmr_spectrometer 
# 
loop_
_pdbx_audit_revision_item.ordinal 
_pdbx_audit_revision_item.revision_ordinal 
_pdbx_audit_revision_item.data_content_type 
_pdbx_audit_revision_item.item 
1 4 'Structure model' '_database_2.pdbx_DOI'                
2 4 'Structure model' '_database_2.pdbx_database_accession' 
3 4 'Structure model' '_pdbx_nmr_software.name'             
4 4 'Structure model' '_pdbx_nmr_spectrometer.model'        
# 
_pdbx_database_status.deposit_site                    BMRB 
_pdbx_database_status.entry_id                        2MC7 
_pdbx_database_status.process_site                    RCSB 
_pdbx_database_status.recvd_initial_deposition_date   2013-08-15 
_pdbx_database_status.SG_entry                        ? 
_pdbx_database_status.status_code                     REL 
_pdbx_database_status.status_code_mr                  REL 
_pdbx_database_status.status_code_sf                  ? 
_pdbx_database_status.status_code_cs                  REL 
_pdbx_database_status.methods_development_category    ? 
_pdbx_database_status.pdb_format_compatible           Y 
_pdbx_database_status.status_code_nmr_data            ? 
# 
_pdbx_database_related.db_id          19430 
_pdbx_database_related.db_name        BMRB 
_pdbx_database_related.content_type   unspecified 
_pdbx_database_related.details        . 
# 
loop_
_audit_author.name 
_audit_author.pdbx_ordinal 
'Jean-Francois, F.' 1 
'Dai, J.'           2 
'Yu, L.'            3 
'Myrick, A.'        4 
'Rubin, E.'         5 
'Fajer, P.'         6 
'Song, L.'          7 
'Zhou, H.'          8 
'Cross, T.'         9 
# 
_citation.id                        primary 
_citation.title                     
;Binding of MgtR, a Salmonella Transmembrane Regulatory Peptide, to MgtC, a Mycobacterium tuberculosis Virulence Factor: A Structural Study.
;
_citation.journal_abbrev            J.Mol.Biol. 
_citation.journal_volume            426 
_citation.page_first                436 
_citation.page_last                 446 
_citation.year                      2014 
_citation.journal_id_ASTM           JMOBAK 
_citation.country                   UK 
_citation.journal_id_ISSN           0022-2836 
_citation.journal_id_CSD            0070 
_citation.book_publisher            ? 
_citation.pdbx_database_id_PubMed   24140750 
_citation.pdbx_database_id_DOI      10.1016/j.jmb.2013.10.014 
# 
loop_
_citation_author.citation_id 
_citation_author.name 
_citation_author.ordinal 
_citation_author.identifier_ORCID 
primary 'Jean-Francois, F.L.' 1 ? 
primary 'Dai, J.'             2 ? 
primary 'Yu, L.'              3 ? 
primary 'Myrick, A.'          4 ? 
primary 'Rubin, E.'           5 ? 
primary 'Fajer, P.G.'         6 ? 
primary 'Song, L.'            7 ? 
primary 'Zhou, H.X.'          8 ? 
primary 'Cross, T.A.'         9 ? 
# 
_entity.id                         1 
_entity.type                       polymer 
_entity.src_method                 syn 
_entity.pdbx_description           'Regulatory peptide' 
_entity.formula_weight             3459.344 
_entity.pdbx_number_of_molecules   1 
_entity.pdbx_ec                    ? 
_entity.pdbx_mutation              ? 
_entity.pdbx_fragment              ? 
_entity.details                    ? 
# 
_entity_poly.entity_id                      1 
_entity_poly.type                           'polypeptide(L)' 
_entity_poly.nstd_linkage                   no 
_entity_poly.nstd_monomer                   no 
_entity_poly.pdbx_seq_one_letter_code       MNRSPDKIIALIFLLISLLVLCLALWQIVF 
_entity_poly.pdbx_seq_one_letter_code_can   MNRSPDKIIALIFLLISLLVLCLALWQIVF 
_entity_poly.pdbx_strand_id                 A 
_entity_poly.pdbx_target_identifier         ? 
# 
loop_
_entity_poly_seq.entity_id 
_entity_poly_seq.num 
_entity_poly_seq.mon_id 
_entity_poly_seq.hetero 
1 1  MET n 
1 2  ASN n 
1 3  ARG n 
1 4  SER n 
1 5  PRO n 
1 6  ASP n 
1 7  LYS n 
1 8  ILE n 
1 9  ILE n 
1 10 ALA n 
1 11 LEU n 
1 12 ILE n 
1 13 PHE n 
1 14 LEU n 
1 15 LEU n 
1 16 ILE n 
1 17 SER n 
1 18 LEU n 
1 19 LEU n 
1 20 VAL n 
1 21 LEU n 
1 22 CYS n 
1 23 LEU n 
1 24 ALA n 
1 25 LEU n 
1 26 TRP n 
1 27 GLN n 
1 28 ILE n 
1 29 VAL n 
1 30 PHE n 
# 
_pdbx_entity_src_syn.entity_id              1 
_pdbx_entity_src_syn.pdbx_src_id            1 
_pdbx_entity_src_syn.pdbx_alt_source_flag   sample 
_pdbx_entity_src_syn.pdbx_beg_seq_num       ? 
_pdbx_entity_src_syn.pdbx_end_seq_num       ? 
_pdbx_entity_src_syn.organism_scientific    'Salmonella typhimurium' 
_pdbx_entity_src_syn.organism_common_name   ? 
_pdbx_entity_src_syn.ncbi_taxonomy_id       90371 
_pdbx_entity_src_syn.details                ? 
# 
loop_
_chem_comp.id 
_chem_comp.type 
_chem_comp.mon_nstd_flag 
_chem_comp.name 
_chem_comp.pdbx_synonyms 
_chem_comp.formula 
_chem_comp.formula_weight 
ALA 'L-peptide linking' y ALANINE         ? 'C3 H7 N O2'     89.093  
ARG 'L-peptide linking' y ARGININE        ? 'C6 H15 N4 O2 1' 175.209 
ASN 'L-peptide linking' y ASPARAGINE      ? 'C4 H8 N2 O3'    132.118 
ASP 'L-peptide linking' y 'ASPARTIC ACID' ? 'C4 H7 N O4'     133.103 
CYS 'L-peptide linking' y CYSTEINE        ? 'C3 H7 N O2 S'   121.158 
GLN 'L-peptide linking' y GLUTAMINE       ? 'C5 H10 N2 O3'   146.144 
ILE 'L-peptide linking' y ISOLEUCINE      ? 'C6 H13 N O2'    131.173 
LEU 'L-peptide linking' y LEUCINE         ? 'C6 H13 N O2'    131.173 
LYS 'L-peptide linking' y LYSINE          ? 'C6 H15 N2 O2 1' 147.195 
MET 'L-peptide linking' y METHIONINE      ? 'C5 H11 N O2 S'  149.211 
PHE 'L-peptide linking' y PHENYLALANINE   ? 'C9 H11 N O2'    165.189 
PRO 'L-peptide linking' y PROLINE         ? 'C5 H9 N O2'     115.130 
SER 'L-peptide linking' y SERINE          ? 'C3 H7 N O3'     105.093 
TRP 'L-peptide linking' y TRYPTOPHAN      ? 'C11 H12 N2 O2'  204.225 
VAL 'L-peptide linking' y VALINE          ? 'C5 H11 N O2'    117.146 
# 
loop_
_pdbx_poly_seq_scheme.asym_id 
_pdbx_poly_seq_scheme.entity_id 
_pdbx_poly_seq_scheme.seq_id 
_pdbx_poly_seq_scheme.mon_id 
_pdbx_poly_seq_scheme.ndb_seq_num 
_pdbx_poly_seq_scheme.pdb_seq_num 
_pdbx_poly_seq_scheme.auth_seq_num 
_pdbx_poly_seq_scheme.pdb_mon_id 
_pdbx_poly_seq_scheme.auth_mon_id 
_pdbx_poly_seq_scheme.pdb_strand_id 
_pdbx_poly_seq_scheme.pdb_ins_code 
_pdbx_poly_seq_scheme.hetero 
A 1 1  MET 1  1  1  MET MET A . n 
A 1 2  ASN 2  2  2  ASN ASN A . n 
A 1 3  ARG 3  3  3  ARG ARG A . n 
A 1 4  SER 4  4  4  SER SER A . n 
A 1 5  PRO 5  5  5  PRO PRO A . n 
A 1 6  ASP 6  6  6  ASP ASP A . n 
A 1 7  LYS 7  7  7  LYS LYS A . n 
A 1 8  ILE 8  8  8  ILE ILE A . n 
A 1 9  ILE 9  9  9  ILE ILE A . n 
A 1 10 ALA 10 10 10 ALA ALA A . n 
A 1 11 LEU 11 11 11 LEU LEU A . n 
A 1 12 ILE 12 12 12 ILE ILE A . n 
A 1 13 PHE 13 13 13 PHE PHE A . n 
A 1 14 LEU 14 14 14 LEU LEU A . n 
A 1 15 LEU 15 15 15 LEU LEU A . n 
A 1 16 ILE 16 16 16 ILE ILE A . n 
A 1 17 SER 17 17 17 SER SER A . n 
A 1 18 LEU 18 18 18 LEU LEU A . n 
A 1 19 LEU 19 19 19 LEU LEU A . n 
A 1 20 VAL 20 20 20 VAL VAL A . n 
A 1 21 LEU 21 21 21 LEU LEU A . n 
A 1 22 CYS 22 22 22 CYS CYS A . n 
A 1 23 LEU 23 23 23 LEU LEU A . n 
A 1 24 ALA 24 24 24 ALA ALA A . n 
A 1 25 LEU 25 25 25 LEU LEU A . n 
A 1 26 TRP 26 26 26 TRP TRP A . n 
A 1 27 GLN 27 27 27 GLN GLN A . n 
A 1 28 ILE 28 28 28 ILE ILE A . n 
A 1 29 VAL 29 29 29 VAL VAL A . n 
A 1 30 PHE 30 30 30 PHE PHE A . n 
# 
_exptl.absorpt_coefficient_mu     ? 
_exptl.absorpt_correction_T_max   ? 
_exptl.absorpt_correction_T_min   ? 
_exptl.absorpt_correction_type    ? 
_exptl.absorpt_process_details    ? 
_exptl.crystals_number            ? 
_exptl.details                    'Structure of Transmembrane Regulatory Peptides MgtR' 
_exptl.entry_id                   2MC7 
_exptl.method                     'SOLID-STATE NMR' 
_exptl.method_details             ? 
# 
_struct.entry_id                  2MC7 
_struct.title                     'Structure of Salmonella MgtR' 
_struct.pdbx_model_details        ? 
_struct.pdbx_CASP_flag            ? 
_struct.pdbx_model_type_details   ? 
# 
_struct_keywords.entry_id        2MC7 
_struct_keywords.pdbx_keywords   'MEMBRANE PROTEIN' 
_struct_keywords.text            'Transmembrane helical complex, MEMBRANE PROTEIN' 
# 
_struct_asym.id                            A 
_struct_asym.pdbx_blank_PDB_chainid_flag   N 
_struct_asym.pdbx_modified                 N 
_struct_asym.entity_id                     1 
_struct_asym.details                       ? 
# 
_struct_ref.id                         1 
_struct_ref.db_name                    UNP 
_struct_ref.db_code                    B0LJC7_SALTM 
_struct_ref.pdbx_db_accession          B0LJC7 
_struct_ref.entity_id                  1 
_struct_ref.pdbx_seq_one_letter_code   MNRSPDKIIALIFLLISLLVLCLALWQIVF 
_struct_ref.pdbx_align_begin           1 
_struct_ref.pdbx_db_isoform            ? 
# 
_struct_ref_seq.align_id                      1 
_struct_ref_seq.ref_id                        1 
_struct_ref_seq.pdbx_PDB_id_code              2MC7 
_struct_ref_seq.pdbx_strand_id                A 
_struct_ref_seq.seq_align_beg                 1 
_struct_ref_seq.pdbx_seq_align_beg_ins_code   ? 
_struct_ref_seq.seq_align_end                 30 
_struct_ref_seq.pdbx_seq_align_end_ins_code   ? 
_struct_ref_seq.pdbx_db_accession             B0LJC7 
_struct_ref_seq.db_align_beg                  1 
_struct_ref_seq.pdbx_db_align_beg_ins_code    ? 
_struct_ref_seq.db_align_end                  30 
_struct_ref_seq.pdbx_db_align_end_ins_code    ? 
_struct_ref_seq.pdbx_auth_seq_align_beg       1 
_struct_ref_seq.pdbx_auth_seq_align_end       30 
# 
_pdbx_struct_assembly.id                   1 
_pdbx_struct_assembly.details              author_defined_assembly 
_pdbx_struct_assembly.method_details       ? 
_pdbx_struct_assembly.oligomeric_details   monomeric 
_pdbx_struct_assembly.oligomeric_count     1 
# 
_pdbx_struct_assembly_gen.assembly_id       1 
_pdbx_struct_assembly_gen.oper_expression   1 
_pdbx_struct_assembly_gen.asym_id_list      A 
# 
_pdbx_struct_oper_list.id                   1 
_pdbx_struct_oper_list.type                 'identity operation' 
_pdbx_struct_oper_list.name                 1_555 
_pdbx_struct_oper_list.symmetry_operation   x,y,z 
_pdbx_struct_oper_list.matrix[1][1]         1.0000000000 
_pdbx_struct_oper_list.matrix[1][2]         0.0000000000 
_pdbx_struct_oper_list.matrix[1][3]         0.0000000000 
_pdbx_struct_oper_list.vector[1]            0.0000000000 
_pdbx_struct_oper_list.matrix[2][1]         0.0000000000 
_pdbx_struct_oper_list.matrix[2][2]         1.0000000000 
_pdbx_struct_oper_list.matrix[2][3]         0.0000000000 
_pdbx_struct_oper_list.vector[2]            0.0000000000 
_pdbx_struct_oper_list.matrix[3][1]         0.0000000000 
_pdbx_struct_oper_list.matrix[3][2]         0.0000000000 
_pdbx_struct_oper_list.matrix[3][3]         1.0000000000 
_pdbx_struct_oper_list.vector[3]            0.0000000000 
# 
_struct_biol.id        1 
_struct_biol.details   ? 
# 
loop_
_struct_conf.conf_type_id 
_struct_conf.id 
_struct_conf.pdbx_PDB_helix_id 
_struct_conf.beg_label_comp_id 
_struct_conf.beg_label_asym_id 
_struct_conf.beg_label_seq_id 
_struct_conf.pdbx_beg_PDB_ins_code 
_struct_conf.end_label_comp_id 
_struct_conf.end_label_asym_id 
_struct_conf.end_label_seq_id 
_struct_conf.pdbx_end_PDB_ins_code 
_struct_conf.beg_auth_comp_id 
_struct_conf.beg_auth_asym_id 
_struct_conf.beg_auth_seq_id 
_struct_conf.end_auth_comp_id 
_struct_conf.end_auth_asym_id 
_struct_conf.end_auth_seq_id 
_struct_conf.pdbx_PDB_helix_class 
_struct_conf.details 
_struct_conf.pdbx_PDB_helix_length 
HELX_P HELX_P1 1 ARG A 3 ? PRO A 5  ? ARG A 3 PRO A 5  5 ? 3  
HELX_P HELX_P2 2 ASP A 6 ? GLN A 27 ? ASP A 6 GLN A 27 1 ? 22 
# 
_struct_conf_type.id          HELX_P 
_struct_conf_type.criteria    ? 
_struct_conf_type.reference   ? 
# 
loop_
_pdbx_validate_torsion.id 
_pdbx_validate_torsion.PDB_model_num 
_pdbx_validate_torsion.auth_comp_id 
_pdbx_validate_torsion.auth_asym_id 
_pdbx_validate_torsion.auth_seq_id 
_pdbx_validate_torsion.PDB_ins_code 
_pdbx_validate_torsion.label_alt_id 
_pdbx_validate_torsion.phi 
_pdbx_validate_torsion.psi 
1 1 ARG A 3  ? ? -57.46 100.13 
2 1 ILE A 28 ? ? 65.56  103.77 
# 
_pdbx_validate_planes.id              1 
_pdbx_validate_planes.PDB_model_num   1 
_pdbx_validate_planes.auth_comp_id    PHE 
_pdbx_validate_planes.auth_asym_id    A 
_pdbx_validate_planes.auth_seq_id     13 
_pdbx_validate_planes.PDB_ins_code    ? 
_pdbx_validate_planes.label_alt_id    ? 
_pdbx_validate_planes.rmsd            0.127 
_pdbx_validate_planes.type            'SIDE CHAIN' 
# 
_pdbx_nmr_ensemble.average_constraint_violations_per_residue     ? 
_pdbx_nmr_ensemble.average_constraints_per_residue               ? 
_pdbx_nmr_ensemble.average_distance_constraint_violation         ? 
_pdbx_nmr_ensemble.average_torsion_angle_constraint_violation    ? 
_pdbx_nmr_ensemble.conformer_selection_criteria                  'target function' 
_pdbx_nmr_ensemble.conformers_calculated_total_number            100 
_pdbx_nmr_ensemble.conformers_submitted_total_number             1 
_pdbx_nmr_ensemble.distance_constraint_violation_method          ? 
_pdbx_nmr_ensemble.entry_id                                      2MC7 
_pdbx_nmr_ensemble.maximum_distance_constraint_violation         ? 
_pdbx_nmr_ensemble.maximum_lower_distance_constraint_violation   ? 
_pdbx_nmr_ensemble.maximum_torsion_angle_constraint_violation    ? 
_pdbx_nmr_ensemble.maximum_upper_distance_constraint_violation   ? 
_pdbx_nmr_ensemble.torsion_angle_constraint_violation_method     ? 
# 
_pdbx_nmr_representative.conformer_id         1 
_pdbx_nmr_representative.entry_id             2MC7 
_pdbx_nmr_representative.selection_criteria   'closest to the average' 
# 
_pdbx_nmr_sample_details.contents         '86% DMPC, 14% specific AA labels MgtR, 54% H2O/46% D2O' 
_pdbx_nmr_sample_details.solution_id      1 
_pdbx_nmr_sample_details.solvent_system   '54% H2O/46% D2O' 
# 
loop_
_pdbx_nmr_exptl_sample.component 
_pdbx_nmr_exptl_sample.concentration 
_pdbx_nmr_exptl_sample.concentration_range 
_pdbx_nmr_exptl_sample.concentration_units 
_pdbx_nmr_exptl_sample.isotopic_labeling 
_pdbx_nmr_exptl_sample.solution_id 
DMPC-1 84 ? % ?                    1 
MgtR-2 16 ? % 'specific AA labels' 1 
# 
_pdbx_nmr_exptl_sample_conditions.conditions_id       1 
_pdbx_nmr_exptl_sample_conditions.ionic_strength      ? 
_pdbx_nmr_exptl_sample_conditions.pH                  8.0 
_pdbx_nmr_exptl_sample_conditions.pressure            ambient 
_pdbx_nmr_exptl_sample_conditions.pressure_units      ? 
_pdbx_nmr_exptl_sample_conditions.temperature         310 
_pdbx_nmr_exptl_sample_conditions.temperature_units   K 
# 
_pdbx_nmr_exptl.conditions_id   1 
_pdbx_nmr_exptl.experiment_id   1 
_pdbx_nmr_exptl.solution_id     1 
_pdbx_nmr_exptl.type            PISEMA 
# 
_pdbx_nmr_refine.entry_id           2MC7 
_pdbx_nmr_refine.method             'molecular dynamics' 
_pdbx_nmr_refine.details            ? 
_pdbx_nmr_refine.software_ordinal   1 
# 
_pdbx_nmr_software.authors          'Schwieters, Kuszewski, Tjandra and Clore' 
_pdbx_nmr_software.classification   refinement 
_pdbx_nmr_software.name             'X-PLOR NIH' 
_pdbx_nmr_software.version          2.29 
_pdbx_nmr_software.ordinal          1 
# 
loop_
_chem_comp_atom.comp_id 
_chem_comp_atom.atom_id 
_chem_comp_atom.type_symbol 
_chem_comp_atom.pdbx_aromatic_flag 
_chem_comp_atom.pdbx_stereo_config 
_chem_comp_atom.pdbx_ordinal 
ALA N    N N N 1   
ALA CA   C N S 2   
ALA C    C N N 3   
ALA O    O N N 4   
ALA CB   C N N 5   
ALA OXT  O N N 6   
ALA H    H N N 7   
ALA H2   H N N 8   
ALA HA   H N N 9   
ALA HB1  H N N 10  
ALA HB2  H N N 11  
ALA HB3  H N N 12  
ALA HXT  H N N 13  
ARG N    N N N 14  
ARG CA   C N S 15  
ARG C    C N N 16  
ARG O    O N N 17  
ARG CB   C N N 18  
ARG CG   C N N 19  
ARG CD   C N N 20  
ARG NE   N N N 21  
ARG CZ   C N N 22  
ARG NH1  N N N 23  
ARG NH2  N N N 24  
ARG OXT  O N N 25  
ARG H    H N N 26  
ARG H2   H N N 27  
ARG HA   H N N 28  
ARG HB2  H N N 29  
ARG HB3  H N N 30  
ARG HG2  H N N 31  
ARG HG3  H N N 32  
ARG HD2  H N N 33  
ARG HD3  H N N 34  
ARG HE   H N N 35  
ARG HH11 H N N 36  
ARG HH12 H N N 37  
ARG HH21 H N N 38  
ARG HH22 H N N 39  
ARG HXT  H N N 40  
ASN N    N N N 41  
ASN CA   C N S 42  
ASN C    C N N 43  
ASN O    O N N 44  
ASN CB   C N N 45  
ASN CG   C N N 46  
ASN OD1  O N N 47  
ASN ND2  N N N 48  
ASN OXT  O N N 49  
ASN H    H N N 50  
ASN H2   H N N 51  
ASN HA   H N N 52  
ASN HB2  H N N 53  
ASN HB3  H N N 54  
ASN HD21 H N N 55  
ASN HD22 H N N 56  
ASN HXT  H N N 57  
ASP N    N N N 58  
ASP CA   C N S 59  
ASP C    C N N 60  
ASP O    O N N 61  
ASP CB   C N N 62  
ASP CG   C N N 63  
ASP OD1  O N N 64  
ASP OD2  O N N 65  
ASP OXT  O N N 66  
ASP H    H N N 67  
ASP H2   H N N 68  
ASP HA   H N N 69  
ASP HB2  H N N 70  
ASP HB3  H N N 71  
ASP HD2  H N N 72  
ASP HXT  H N N 73  
CYS N    N N N 74  
CYS CA   C N R 75  
CYS C    C N N 76  
CYS O    O N N 77  
CYS CB   C N N 78  
CYS SG   S N N 79  
CYS OXT  O N N 80  
CYS H    H N N 81  
CYS H2   H N N 82  
CYS HA   H N N 83  
CYS HB2  H N N 84  
CYS HB3  H N N 85  
CYS HG   H N N 86  
CYS HXT  H N N 87  
GLN N    N N N 88  
GLN CA   C N S 89  
GLN C    C N N 90  
GLN O    O N N 91  
GLN CB   C N N 92  
GLN CG   C N N 93  
GLN CD   C N N 94  
GLN OE1  O N N 95  
GLN NE2  N N N 96  
GLN OXT  O N N 97  
GLN H    H N N 98  
GLN H2   H N N 99  
GLN HA   H N N 100 
GLN HB2  H N N 101 
GLN HB3  H N N 102 
GLN HG2  H N N 103 
GLN HG3  H N N 104 
GLN HE21 H N N 105 
GLN HE22 H N N 106 
GLN HXT  H N N 107 
ILE N    N N N 108 
ILE CA   C N S 109 
ILE C    C N N 110 
ILE O    O N N 111 
ILE CB   C N S 112 
ILE CG1  C N N 113 
ILE CG2  C N N 114 
ILE CD1  C N N 115 
ILE OXT  O N N 116 
ILE H    H N N 117 
ILE H2   H N N 118 
ILE HA   H N N 119 
ILE HB   H N N 120 
ILE HG12 H N N 121 
ILE HG13 H N N 122 
ILE HG21 H N N 123 
ILE HG22 H N N 124 
ILE HG23 H N N 125 
ILE HD11 H N N 126 
ILE HD12 H N N 127 
ILE HD13 H N N 128 
ILE HXT  H N N 129 
LEU N    N N N 130 
LEU CA   C N S 131 
LEU C    C N N 132 
LEU O    O N N 133 
LEU CB   C N N 134 
LEU CG   C N N 135 
LEU CD1  C N N 136 
LEU CD2  C N N 137 
LEU OXT  O N N 138 
LEU H    H N N 139 
LEU H2   H N N 140 
LEU HA   H N N 141 
LEU HB2  H N N 142 
LEU HB3  H N N 143 
LEU HG   H N N 144 
LEU HD11 H N N 145 
LEU HD12 H N N 146 
LEU HD13 H N N 147 
LEU HD21 H N N 148 
LEU HD22 H N N 149 
LEU HD23 H N N 150 
LEU HXT  H N N 151 
LYS N    N N N 152 
LYS CA   C N S 153 
LYS C    C N N 154 
LYS O    O N N 155 
LYS CB   C N N 156 
LYS CG   C N N 157 
LYS CD   C N N 158 
LYS CE   C N N 159 
LYS NZ   N N N 160 
LYS OXT  O N N 161 
LYS H    H N N 162 
LYS H2   H N N 163 
LYS HA   H N N 164 
LYS HB2  H N N 165 
LYS HB3  H N N 166 
LYS HG2  H N N 167 
LYS HG3  H N N 168 
LYS HD2  H N N 169 
LYS HD3  H N N 170 
LYS HE2  H N N 171 
LYS HE3  H N N 172 
LYS HZ1  H N N 173 
LYS HZ2  H N N 174 
LYS HZ3  H N N 175 
LYS HXT  H N N 176 
MET N    N N N 177 
MET CA   C N S 178 
MET C    C N N 179 
MET O    O N N 180 
MET CB   C N N 181 
MET CG   C N N 182 
MET SD   S N N 183 
MET CE   C N N 184 
MET OXT  O N N 185 
MET H    H N N 186 
MET H2   H N N 187 
MET HA   H N N 188 
MET HB2  H N N 189 
MET HB3  H N N 190 
MET HG2  H N N 191 
MET HG3  H N N 192 
MET HE1  H N N 193 
MET HE2  H N N 194 
MET HE3  H N N 195 
MET HXT  H N N 196 
PHE N    N N N 197 
PHE CA   C N S 198 
PHE C    C N N 199 
PHE O    O N N 200 
PHE CB   C N N 201 
PHE CG   C Y N 202 
PHE CD1  C Y N 203 
PHE CD2  C Y N 204 
PHE CE1  C Y N 205 
PHE CE2  C Y N 206 
PHE CZ   C Y N 207 
PHE OXT  O N N 208 
PHE H    H N N 209 
PHE H2   H N N 210 
PHE HA   H N N 211 
PHE HB2  H N N 212 
PHE HB3  H N N 213 
PHE HD1  H N N 214 
PHE HD2  H N N 215 
PHE HE1  H N N 216 
PHE HE2  H N N 217 
PHE HZ   H N N 218 
PHE HXT  H N N 219 
PRO N    N N N 220 
PRO CA   C N S 221 
PRO C    C N N 222 
PRO O    O N N 223 
PRO CB   C N N 224 
PRO CG   C N N 225 
PRO CD   C N N 226 
PRO OXT  O N N 227 
PRO H    H N N 228 
PRO HA   H N N 229 
PRO HB2  H N N 230 
PRO HB3  H N N 231 
PRO HG2  H N N 232 
PRO HG3  H N N 233 
PRO HD2  H N N 234 
PRO HD3  H N N 235 
PRO HXT  H N N 236 
SER N    N N N 237 
SER CA   C N S 238 
SER C    C N N 239 
SER O    O N N 240 
SER CB   C N N 241 
SER OG   O N N 242 
SER OXT  O N N 243 
SER H    H N N 244 
SER H2   H N N 245 
SER HA   H N N 246 
SER HB2  H N N 247 
SER HB3  H N N 248 
SER HG   H N N 249 
SER HXT  H N N 250 
TRP N    N N N 251 
TRP CA   C N S 252 
TRP C    C N N 253 
TRP O    O N N 254 
TRP CB   C N N 255 
TRP CG   C Y N 256 
TRP CD1  C Y N 257 
TRP CD2  C Y N 258 
TRP NE1  N Y N 259 
TRP CE2  C Y N 260 
TRP CE3  C Y N 261 
TRP CZ2  C Y N 262 
TRP CZ3  C Y N 263 
TRP CH2  C Y N 264 
TRP OXT  O N N 265 
TRP H    H N N 266 
TRP H2   H N N 267 
TRP HA   H N N 268 
TRP HB2  H N N 269 
TRP HB3  H N N 270 
TRP HD1  H N N 271 
TRP HE1  H N N 272 
TRP HE3  H N N 273 
TRP HZ2  H N N 274 
TRP HZ3  H N N 275 
TRP HH2  H N N 276 
TRP HXT  H N N 277 
VAL N    N N N 278 
VAL CA   C N S 279 
VAL C    C N N 280 
VAL O    O N N 281 
VAL CB   C N N 282 
VAL CG1  C N N 283 
VAL CG2  C N N 284 
VAL OXT  O N N 285 
VAL H    H N N 286 
VAL H2   H N N 287 
VAL HA   H N N 288 
VAL HB   H N N 289 
VAL HG11 H N N 290 
VAL HG12 H N N 291 
VAL HG13 H N N 292 
VAL HG21 H N N 293 
VAL HG22 H N N 294 
VAL HG23 H N N 295 
VAL HXT  H N N 296 
# 
loop_
_chem_comp_bond.comp_id 
_chem_comp_bond.atom_id_1 
_chem_comp_bond.atom_id_2 
_chem_comp_bond.value_order 
_chem_comp_bond.pdbx_aromatic_flag 
_chem_comp_bond.pdbx_stereo_config 
_chem_comp_bond.pdbx_ordinal 
ALA N   CA   sing N N 1   
ALA N   H    sing N N 2   
ALA N   H2   sing N N 3   
ALA CA  C    sing N N 4   
ALA CA  CB   sing N N 5   
ALA CA  HA   sing N N 6   
ALA C   O    doub N N 7   
ALA C   OXT  sing N N 8   
ALA CB  HB1  sing N N 9   
ALA CB  HB2  sing N N 10  
ALA CB  HB3  sing N N 11  
ALA OXT HXT  sing N N 12  
ARG N   CA   sing N N 13  
ARG N   H    sing N N 14  
ARG N   H2   sing N N 15  
ARG CA  C    sing N N 16  
ARG CA  CB   sing N N 17  
ARG CA  HA   sing N N 18  
ARG C   O    doub N N 19  
ARG C   OXT  sing N N 20  
ARG CB  CG   sing N N 21  
ARG CB  HB2  sing N N 22  
ARG CB  HB3  sing N N 23  
ARG CG  CD   sing N N 24  
ARG CG  HG2  sing N N 25  
ARG CG  HG3  sing N N 26  
ARG CD  NE   sing N N 27  
ARG CD  HD2  sing N N 28  
ARG CD  HD3  sing N N 29  
ARG NE  CZ   sing N N 30  
ARG NE  HE   sing N N 31  
ARG CZ  NH1  sing N N 32  
ARG CZ  NH2  doub N N 33  
ARG NH1 HH11 sing N N 34  
ARG NH1 HH12 sing N N 35  
ARG NH2 HH21 sing N N 36  
ARG NH2 HH22 sing N N 37  
ARG OXT HXT  sing N N 38  
ASN N   CA   sing N N 39  
ASN N   H    sing N N 40  
ASN N   H2   sing N N 41  
ASN CA  C    sing N N 42  
ASN CA  CB   sing N N 43  
ASN CA  HA   sing N N 44  
ASN C   O    doub N N 45  
ASN C   OXT  sing N N 46  
ASN CB  CG   sing N N 47  
ASN CB  HB2  sing N N 48  
ASN CB  HB3  sing N N 49  
ASN CG  OD1  doub N N 50  
ASN CG  ND2  sing N N 51  
ASN ND2 HD21 sing N N 52  
ASN ND2 HD22 sing N N 53  
ASN OXT HXT  sing N N 54  
ASP N   CA   sing N N 55  
ASP N   H    sing N N 56  
ASP N   H2   sing N N 57  
ASP CA  C    sing N N 58  
ASP CA  CB   sing N N 59  
ASP CA  HA   sing N N 60  
ASP C   O    doub N N 61  
ASP C   OXT  sing N N 62  
ASP CB  CG   sing N N 63  
ASP CB  HB2  sing N N 64  
ASP CB  HB3  sing N N 65  
ASP CG  OD1  doub N N 66  
ASP CG  OD2  sing N N 67  
ASP OD2 HD2  sing N N 68  
ASP OXT HXT  sing N N 69  
CYS N   CA   sing N N 70  
CYS N   H    sing N N 71  
CYS N   H2   sing N N 72  
CYS CA  C    sing N N 73  
CYS CA  CB   sing N N 74  
CYS CA  HA   sing N N 75  
CYS C   O    doub N N 76  
CYS C   OXT  sing N N 77  
CYS CB  SG   sing N N 78  
CYS CB  HB2  sing N N 79  
CYS CB  HB3  sing N N 80  
CYS SG  HG   sing N N 81  
CYS OXT HXT  sing N N 82  
GLN N   CA   sing N N 83  
GLN N   H    sing N N 84  
GLN N   H2   sing N N 85  
GLN CA  C    sing N N 86  
GLN CA  CB   sing N N 87  
GLN CA  HA   sing N N 88  
GLN C   O    doub N N 89  
GLN C   OXT  sing N N 90  
GLN CB  CG   sing N N 91  
GLN CB  HB2  sing N N 92  
GLN CB  HB3  sing N N 93  
GLN CG  CD   sing N N 94  
GLN CG  HG2  sing N N 95  
GLN CG  HG3  sing N N 96  
GLN CD  OE1  doub N N 97  
GLN CD  NE2  sing N N 98  
GLN NE2 HE21 sing N N 99  
GLN NE2 HE22 sing N N 100 
GLN OXT HXT  sing N N 101 
ILE N   CA   sing N N 102 
ILE N   H    sing N N 103 
ILE N   H2   sing N N 104 
ILE CA  C    sing N N 105 
ILE CA  CB   sing N N 106 
ILE CA  HA   sing N N 107 
ILE C   O    doub N N 108 
ILE C   OXT  sing N N 109 
ILE CB  CG1  sing N N 110 
ILE CB  CG2  sing N N 111 
ILE CB  HB   sing N N 112 
ILE CG1 CD1  sing N N 113 
ILE CG1 HG12 sing N N 114 
ILE CG1 HG13 sing N N 115 
ILE CG2 HG21 sing N N 116 
ILE CG2 HG22 sing N N 117 
ILE CG2 HG23 sing N N 118 
ILE CD1 HD11 sing N N 119 
ILE CD1 HD12 sing N N 120 
ILE CD1 HD13 sing N N 121 
ILE OXT HXT  sing N N 122 
LEU N   CA   sing N N 123 
LEU N   H    sing N N 124 
LEU N   H2   sing N N 125 
LEU CA  C    sing N N 126 
LEU CA  CB   sing N N 127 
LEU CA  HA   sing N N 128 
LEU C   O    doub N N 129 
LEU C   OXT  sing N N 130 
LEU CB  CG   sing N N 131 
LEU CB  HB2  sing N N 132 
LEU CB  HB3  sing N N 133 
LEU CG  CD1  sing N N 134 
LEU CG  CD2  sing N N 135 
LEU CG  HG   sing N N 136 
LEU CD1 HD11 sing N N 137 
LEU CD1 HD12 sing N N 138 
LEU CD1 HD13 sing N N 139 
LEU CD2 HD21 sing N N 140 
LEU CD2 HD22 sing N N 141 
LEU CD2 HD23 sing N N 142 
LEU OXT HXT  sing N N 143 
LYS N   CA   sing N N 144 
LYS N   H    sing N N 145 
LYS N   H2   sing N N 146 
LYS CA  C    sing N N 147 
LYS CA  CB   sing N N 148 
LYS CA  HA   sing N N 149 
LYS C   O    doub N N 150 
LYS C   OXT  sing N N 151 
LYS CB  CG   sing N N 152 
LYS CB  HB2  sing N N 153 
LYS CB  HB3  sing N N 154 
LYS CG  CD   sing N N 155 
LYS CG  HG2  sing N N 156 
LYS CG  HG3  sing N N 157 
LYS CD  CE   sing N N 158 
LYS CD  HD2  sing N N 159 
LYS CD  HD3  sing N N 160 
LYS CE  NZ   sing N N 161 
LYS CE  HE2  sing N N 162 
LYS CE  HE3  sing N N 163 
LYS NZ  HZ1  sing N N 164 
LYS NZ  HZ2  sing N N 165 
LYS NZ  HZ3  sing N N 166 
LYS OXT HXT  sing N N 167 
MET N   CA   sing N N 168 
MET N   H    sing N N 169 
MET N   H2   sing N N 170 
MET CA  C    sing N N 171 
MET CA  CB   sing N N 172 
MET CA  HA   sing N N 173 
MET C   O    doub N N 174 
MET C   OXT  sing N N 175 
MET CB  CG   sing N N 176 
MET CB  HB2  sing N N 177 
MET CB  HB3  sing N N 178 
MET CG  SD   sing N N 179 
MET CG  HG2  sing N N 180 
MET CG  HG3  sing N N 181 
MET SD  CE   sing N N 182 
MET CE  HE1  sing N N 183 
MET CE  HE2  sing N N 184 
MET CE  HE3  sing N N 185 
MET OXT HXT  sing N N 186 
PHE N   CA   sing N N 187 
PHE N   H    sing N N 188 
PHE N   H2   sing N N 189 
PHE CA  C    sing N N 190 
PHE CA  CB   sing N N 191 
PHE CA  HA   sing N N 192 
PHE C   O    doub N N 193 
PHE C   OXT  sing N N 194 
PHE CB  CG   sing N N 195 
PHE CB  HB2  sing N N 196 
PHE CB  HB3  sing N N 197 
PHE CG  CD1  doub Y N 198 
PHE CG  CD2  sing Y N 199 
PHE CD1 CE1  sing Y N 200 
PHE CD1 HD1  sing N N 201 
PHE CD2 CE2  doub Y N 202 
PHE CD2 HD2  sing N N 203 
PHE CE1 CZ   doub Y N 204 
PHE CE1 HE1  sing N N 205 
PHE CE2 CZ   sing Y N 206 
PHE CE2 HE2  sing N N 207 
PHE CZ  HZ   sing N N 208 
PHE OXT HXT  sing N N 209 
PRO N   CA   sing N N 210 
PRO N   CD   sing N N 211 
PRO N   H    sing N N 212 
PRO CA  C    sing N N 213 
PRO CA  CB   sing N N 214 
PRO CA  HA   sing N N 215 
PRO C   O    doub N N 216 
PRO C   OXT  sing N N 217 
PRO CB  CG   sing N N 218 
PRO CB  HB2  sing N N 219 
PRO CB  HB3  sing N N 220 
PRO CG  CD   sing N N 221 
PRO CG  HG2  sing N N 222 
PRO CG  HG3  sing N N 223 
PRO CD  HD2  sing N N 224 
PRO CD  HD3  sing N N 225 
PRO OXT HXT  sing N N 226 
SER N   CA   sing N N 227 
SER N   H    sing N N 228 
SER N   H2   sing N N 229 
SER CA  C    sing N N 230 
SER CA  CB   sing N N 231 
SER CA  HA   sing N N 232 
SER C   O    doub N N 233 
SER C   OXT  sing N N 234 
SER CB  OG   sing N N 235 
SER CB  HB2  sing N N 236 
SER CB  HB3  sing N N 237 
SER OG  HG   sing N N 238 
SER OXT HXT  sing N N 239 
TRP N   CA   sing N N 240 
TRP N   H    sing N N 241 
TRP N   H2   sing N N 242 
TRP CA  C    sing N N 243 
TRP CA  CB   sing N N 244 
TRP CA  HA   sing N N 245 
TRP C   O    doub N N 246 
TRP C   OXT  sing N N 247 
TRP CB  CG   sing N N 248 
TRP CB  HB2  sing N N 249 
TRP CB  HB3  sing N N 250 
TRP CG  CD1  doub Y N 251 
TRP CG  CD2  sing Y N 252 
TRP CD1 NE1  sing Y N 253 
TRP CD1 HD1  sing N N 254 
TRP CD2 CE2  doub Y N 255 
TRP CD2 CE3  sing Y N 256 
TRP NE1 CE2  sing Y N 257 
TRP NE1 HE1  sing N N 258 
TRP CE2 CZ2  sing Y N 259 
TRP CE3 CZ3  doub Y N 260 
TRP CE3 HE3  sing N N 261 
TRP CZ2 CH2  doub Y N 262 
TRP CZ2 HZ2  sing N N 263 
TRP CZ3 CH2  sing Y N 264 
TRP CZ3 HZ3  sing N N 265 
TRP CH2 HH2  sing N N 266 
TRP OXT HXT  sing N N 267 
VAL N   CA   sing N N 268 
VAL N   H    sing N N 269 
VAL N   H2   sing N N 270 
VAL CA  C    sing N N 271 
VAL CA  CB   sing N N 272 
VAL CA  HA   sing N N 273 
VAL C   O    doub N N 274 
VAL C   OXT  sing N N 275 
VAL CB  CG1  sing N N 276 
VAL CB  CG2  sing N N 277 
VAL CB  HB   sing N N 278 
VAL CG1 HG11 sing N N 279 
VAL CG1 HG12 sing N N 280 
VAL CG1 HG13 sing N N 281 
VAL CG2 HG21 sing N N 282 
VAL CG2 HG22 sing N N 283 
VAL CG2 HG23 sing N N 284 
VAL OXT HXT  sing N N 285 
# 
_pdbx_nmr_spectrometer.field_strength    400 
_pdbx_nmr_spectrometer.manufacturer      Bruker 
_pdbx_nmr_spectrometer.model             AVANCE 
_pdbx_nmr_spectrometer.spectrometer_id   1 
_pdbx_nmr_spectrometer.type              'Bruker Avance' 
# 
_atom_sites.entry_id                    2MC7 
_atom_sites.fract_transf_matrix[1][1]   1.000000 
_atom_sites.fract_transf_matrix[1][2]   0.000000 
_atom_sites.fract_transf_matrix[1][3]   0.000000 
_atom_sites.fract_transf_matrix[2][1]   0.000000 
_atom_sites.fract_transf_matrix[2][2]   1.000000 
_atom_sites.fract_transf_matrix[2][3]   0.000000 
_atom_sites.fract_transf_matrix[3][1]   0.000000 
_atom_sites.fract_transf_matrix[3][2]   0.000000 
_atom_sites.fract_transf_matrix[3][3]   1.000000 
_atom_sites.fract_transf_vector[1]      0.00000 
_atom_sites.fract_transf_vector[2]      0.00000 
_atom_sites.fract_transf_vector[3]      0.00000 
# 
loop_
_atom_type.symbol 
C 
H 
N 
O 
S 
# 
loop_
_atom_site.group_PDB 
_atom_site.id 
_atom_site.type_symbol 
_atom_site.label_atom_id 
_atom_site.label_alt_id 
_atom_site.label_comp_id 
_atom_site.label_asym_id 
_atom_site.label_entity_id 
_atom_site.label_seq_id 
_atom_site.pdbx_PDB_ins_code 
_atom_site.Cartn_x 
_atom_site.Cartn_y 
_atom_site.Cartn_z 
_atom_site.occupancy 
_atom_site.B_iso_or_equiv 
_atom_site.pdbx_formal_charge 
_atom_site.auth_seq_id 
_atom_site.auth_comp_id 
_atom_site.auth_asym_id 
_atom_site.auth_atom_id 
_atom_site.pdbx_PDB_model_num 
ATOM 1   N N    . MET A 1 1  ? -0.422  -6.006  -13.747 1.00 0.00 ? 1  MET A N    1 
ATOM 2   C CA   . MET A 1 1  ? 0.008   -7.266  -13.122 1.00 0.00 ? 1  MET A CA   1 
ATOM 3   C C    . MET A 1 1  ? -0.463  -8.502  -13.952 1.00 0.00 ? 1  MET A C    1 
ATOM 4   O O    . MET A 1 1  ? -1.670  -8.630  -14.271 1.00 0.00 ? 1  MET A O    1 
ATOM 5   C CB   . MET A 1 1  ? -0.470  -7.342  -11.607 1.00 0.00 ? 1  MET A CB   1 
ATOM 6   C CG   . MET A 1 1  ? -0.082  -8.692  -10.891 1.00 0.00 ? 1  MET A CG   1 
ATOM 7   S SD   . MET A 1 1  ? -0.260  -8.525  -9.089  1.00 0.00 ? 1  MET A SD   1 
ATOM 8   C CE   . MET A 1 1  ? 0.546   -10.024 -8.662  1.00 0.00 ? 1  MET A CE   1 
ATOM 9   H H1   . MET A 1 1  ? -0.258  -6.076  -14.771 1.00 0.00 ? 1  MET A H1   1 
ATOM 10  H H2   . MET A 1 1  ? 0.230   -5.281  -13.385 1.00 0.00 ? 1  MET A H2   1 
ATOM 11  H H3   . MET A 1 1  ? -1.416  -5.742  -13.598 1.00 0.00 ? 1  MET A H3   1 
ATOM 12  H HA   . MET A 1 1  ? 1.081   -7.209  -13.234 1.00 0.00 ? 1  MET A HA   1 
ATOM 13  H HB2  . MET A 1 1  ? 0.080   -6.527  -11.089 1.00 0.00 ? 1  MET A HB2  1 
ATOM 14  H HB3  . MET A 1 1  ? -1.574  -7.255  -11.521 1.00 0.00 ? 1  MET A HB3  1 
ATOM 15  H HG2  . MET A 1 1  ? -0.624  -9.584  -11.272 1.00 0.00 ? 1  MET A HG2  1 
ATOM 16  H HG3  . MET A 1 1  ? 1.006   -8.825  -11.072 1.00 0.00 ? 1  MET A HG3  1 
ATOM 17  H HE1  . MET A 1 1  ? 1.414   -10.258 -9.315  1.00 0.00 ? 1  MET A HE1  1 
ATOM 18  H HE2  . MET A 1 1  ? -0.107  -10.898 -8.872  1.00 0.00 ? 1  MET A HE2  1 
ATOM 19  H HE3  . MET A 1 1  ? 0.765   -10.039 -7.573  1.00 0.00 ? 1  MET A HE3  1 
ATOM 20  N N    . ASN A 1 2  ? 0.405   -9.467  -14.185 1.00 0.00 ? 2  ASN A N    1 
ATOM 21  C CA   . ASN A 1 2  ? -0.011  -10.655 -14.948 1.00 0.00 ? 2  ASN A CA   1 
ATOM 22  C C    . ASN A 1 2  ? -0.046  -11.954 -14.108 1.00 0.00 ? 2  ASN A C    1 
ATOM 23  O O    . ASN A 1 2  ? -0.740  -12.898 -14.442 1.00 0.00 ? 2  ASN A O    1 
ATOM 24  C CB   . ASN A 1 2  ? 0.993   -10.871 -16.094 1.00 0.00 ? 2  ASN A CB   1 
ATOM 25  C CG   . ASN A 1 2  ? 0.382   -11.669 -17.264 1.00 0.00 ? 2  ASN A CG   1 
ATOM 26  O OD1  . ASN A 1 2  ? -0.731  -11.461 -17.672 1.00 0.00 ? 2  ASN A OD1  1 
ATOM 27  N ND2  . ASN A 1 2  ? 1.215   -12.606 -17.707 1.00 0.00 ? 2  ASN A ND2  1 
ATOM 28  H H    . ASN A 1 2  ? 1.349   -9.437  -13.867 1.00 0.00 ? 2  ASN A H    1 
ATOM 29  H HA   . ASN A 1 2  ? -1.016  -10.510 -15.317 1.00 0.00 ? 2  ASN A HA   1 
ATOM 30  H HB2  . ASN A 1 2  ? 1.224   -9.894  -16.569 1.00 0.00 ? 2  ASN A HB2  1 
ATOM 31  H HB3  . ASN A 1 2  ? 1.997   -11.209 -15.759 1.00 0.00 ? 2  ASN A HB3  1 
ATOM 32  H HD21 . ASN A 1 2  ? 2.080   -12.709 -17.216 1.00 0.00 ? 2  ASN A HD21 1 
ATOM 33  H HD22 . ASN A 1 2  ? 1.044   -13.116 -18.550 1.00 0.00 ? 2  ASN A HD22 1 
ATOM 34  N N    . ARG A 1 3  ? 0.731   -12.069 -12.984 1.00 0.00 ? 3  ARG A N    1 
ATOM 35  C CA   . ARG A 1 3  ? 0.667   -13.217 -12.054 1.00 0.00 ? 3  ARG A CA   1 
ATOM 36  C C    . ARG A 1 3  ? -0.755  -13.421 -11.477 1.00 0.00 ? 3  ARG A C    1 
ATOM 37  O O    . ARG A 1 3  ? -1.211  -12.757 -10.524 1.00 0.00 ? 3  ARG A O    1 
ATOM 38  C CB   . ARG A 1 3  ? 1.615   -12.862 -10.892 1.00 0.00 ? 3  ARG A CB   1 
ATOM 39  C CG   . ARG A 1 3  ? 1.618   -13.872 -9.739  1.00 0.00 ? 3  ARG A CG   1 
ATOM 40  C CD   . ARG A 1 3  ? 2.193   -15.296 -10.080 1.00 0.00 ? 3  ARG A CD   1 
ATOM 41  N NE   . ARG A 1 3  ? 1.697   -16.275 -8.978  1.00 0.00 ? 3  ARG A NE   1 
ATOM 42  C CZ   . ARG A 1 3  ? 1.718   -17.576 -9.073  1.00 0.00 ? 3  ARG A CZ   1 
ATOM 43  N NH1  . ARG A 1 3  ? 2.044   -18.206 -10.184 1.00 0.00 ? 3  ARG A NH1  1 
ATOM 44  N NH2  . ARG A 1 3  ? 1.262   -18.357 -8.068  1.00 0.00 ? 3  ARG A NH2  1 
ATOM 45  H H    . ARG A 1 3  ? 1.341   -11.292 -12.851 1.00 0.00 ? 3  ARG A H    1 
ATOM 46  H HA   . ARG A 1 3  ? 0.881   -14.188 -12.474 1.00 0.00 ? 3  ARG A HA   1 
ATOM 47  H HB2  . ARG A 1 3  ? 2.667   -12.847 -11.249 1.00 0.00 ? 3  ARG A HB2  1 
ATOM 48  H HB3  . ARG A 1 3  ? 1.363   -11.878 -10.442 1.00 0.00 ? 3  ARG A HB3  1 
ATOM 49  H HG2  . ARG A 1 3  ? 2.242   -13.361 -8.975  1.00 0.00 ? 3  ARG A HG2  1 
ATOM 50  H HG3  . ARG A 1 3  ? 0.668   -13.987 -9.175  1.00 0.00 ? 3  ARG A HG3  1 
ATOM 51  H HD2  . ARG A 1 3  ? 1.810   -15.476 -11.107 1.00 0.00 ? 3  ARG A HD2  1 
ATOM 52  H HD3  . ARG A 1 3  ? 3.253   -15.106 -9.803  1.00 0.00 ? 3  ARG A HD3  1 
ATOM 53  H HE   . ARG A 1 3  ? 1.350   -15.900 -8.118  1.00 0.00 ? 3  ARG A HE   1 
ATOM 54  H HH11 . ARG A 1 3  ? 2.350   -17.746 -11.017 1.00 0.00 ? 3  ARG A HH11 1 
ATOM 55  H HH12 . ARG A 1 3  ? 1.866   -19.190 -10.188 1.00 0.00 ? 3  ARG A HH12 1 
ATOM 56  H HH21 . ARG A 1 3  ? 0.734   -17.998 -7.298  1.00 0.00 ? 3  ARG A HH21 1 
ATOM 57  H HH22 . ARG A 1 3  ? 1.249   -19.348 -8.199  1.00 0.00 ? 3  ARG A HH22 1 
ATOM 58  N N    . SER A 1 4  ? -1.555  -14.394 -12.026 1.00 0.00 ? 4  SER A N    1 
ATOM 59  C CA   . SER A 1 4  ? -2.981  -14.523 -11.794 1.00 0.00 ? 4  SER A CA   1 
ATOM 60  C C    . SER A 1 4  ? -3.618  -14.594 -10.413 1.00 0.00 ? 4  SER A C    1 
ATOM 61  O O    . SER A 1 4  ? -4.506  -13.807 -10.256 1.00 0.00 ? 4  SER A O    1 
ATOM 62  C CB   . SER A 1 4  ? -3.601  -15.706 -12.680 1.00 0.00 ? 4  SER A CB   1 
ATOM 63  O OG   . SER A 1 4  ? -4.901  -15.430 -13.071 1.00 0.00 ? 4  SER A OG   1 
ATOM 64  H H    . SER A 1 4  ? -1.164  -15.046 -12.671 1.00 0.00 ? 4  SER A H    1 
ATOM 65  H HA   . SER A 1 4  ? -3.451  -13.598 -12.099 1.00 0.00 ? 4  SER A HA   1 
ATOM 66  H HB2  . SER A 1 4  ? -2.872  -15.794 -13.513 1.00 0.00 ? 4  SER A HB2  1 
ATOM 67  H HB3  . SER A 1 4  ? -3.568  -16.606 -12.030 1.00 0.00 ? 4  SER A HB3  1 
ATOM 68  H HG   . SER A 1 4  ? -5.431  -16.211 -12.895 1.00 0.00 ? 4  SER A HG   1 
ATOM 69  N N    . PRO A 1 5  ? -3.205  -15.494 -9.526  1.00 0.00 ? 5  PRO A N    1 
ATOM 70  C CA   . PRO A 1 5  ? -3.918  -15.662 -8.250  1.00 0.00 ? 5  PRO A CA   1 
ATOM 71  C C    . PRO A 1 5  ? -3.715  -14.596 -7.180  1.00 0.00 ? 5  PRO A C    1 
ATOM 72  O O    . PRO A 1 5  ? -4.440  -14.573 -6.185  1.00 0.00 ? 5  PRO A O    1 
ATOM 73  C CB   . PRO A 1 5  ? -3.481  -17.039 -7.770  1.00 0.00 ? 5  PRO A CB   1 
ATOM 74  C CG   . PRO A 1 5  ? -2.012  -17.048 -8.315  1.00 0.00 ? 5  PRO A CG   1 
ATOM 75  C CD   . PRO A 1 5  ? -1.945  -16.327 -9.650  1.00 0.00 ? 5  PRO A CD   1 
ATOM 76  H HA   . PRO A 1 5  ? -4.993  -15.712 -8.349  1.00 0.00 ? 5  PRO A HA   1 
ATOM 77  H HB2  . PRO A 1 5  ? -3.510  -17.196 -6.670  1.00 0.00 ? 5  PRO A HB2  1 
ATOM 78  H HB3  . PRO A 1 5  ? -4.045  -17.928 -8.124  1.00 0.00 ? 5  PRO A HB3  1 
ATOM 79  H HG2  . PRO A 1 5  ? -1.414  -16.627 -7.479  1.00 0.00 ? 5  PRO A HG2  1 
ATOM 80  H HG3  . PRO A 1 5  ? -1.514  -18.027 -8.475  1.00 0.00 ? 5  PRO A HG3  1 
ATOM 81  H HD2  . PRO A 1 5  ? -1.093  -15.614 -9.670  1.00 0.00 ? 5  PRO A HD2  1 
ATOM 82  H HD3  . PRO A 1 5  ? -1.830  -17.084 -10.455 1.00 0.00 ? 5  PRO A HD3  1 
ATOM 83  N N    . ASP A 1 6  ? -2.778  -13.699 -7.355  1.00 0.00 ? 6  ASP A N    1 
ATOM 84  C CA   . ASP A 1 6  ? -2.246  -12.774 -6.367  1.00 0.00 ? 6  ASP A CA   1 
ATOM 85  C C    . ASP A 1 6  ? -2.747  -11.321 -6.439  1.00 0.00 ? 6  ASP A C    1 
ATOM 86  O O    . ASP A 1 6  ? -2.451  -10.484 -5.567  1.00 0.00 ? 6  ASP A O    1 
ATOM 87  C CB   . ASP A 1 6  ? -0.678  -12.848 -6.438  1.00 0.00 ? 6  ASP A CB   1 
ATOM 88  C CG   . ASP A 1 6  ? -0.298  -14.316 -6.169  1.00 0.00 ? 6  ASP A CG   1 
ATOM 89  O OD1  . ASP A 1 6  ? -0.491  -14.811 -5.047  1.00 0.00 ? 6  ASP A OD1  1 
ATOM 90  O OD2  . ASP A 1 6  ? 0.328   -14.962 -7.025  1.00 0.00 ? 6  ASP A OD2  1 
ATOM 91  H H    . ASP A 1 6  ? -2.394  -13.655 -8.275  1.00 0.00 ? 6  ASP A H    1 
ATOM 92  H HA   . ASP A 1 6  ? -2.587  -13.200 -5.435  1.00 0.00 ? 6  ASP A HA   1 
ATOM 93  H HB2  . ASP A 1 6  ? -0.260  -12.710 -7.458  1.00 0.00 ? 6  ASP A HB2  1 
ATOM 94  H HB3  . ASP A 1 6  ? -0.205  -12.114 -5.751  1.00 0.00 ? 6  ASP A HB3  1 
ATOM 95  N N    . LYS A 1 7  ? -3.658  -11.093 -7.437  1.00 0.00 ? 7  LYS A N    1 
ATOM 96  C CA   . LYS A 1 7  ? -4.021  -9.754  -7.768  1.00 0.00 ? 7  LYS A CA   1 
ATOM 97  C C    . LYS A 1 7  ? -4.748  -8.892  -6.756  1.00 0.00 ? 7  LYS A C    1 
ATOM 98  O O    . LYS A 1 7  ? -4.642  -7.644  -6.649  1.00 0.00 ? 7  LYS A O    1 
ATOM 99  C CB   . LYS A 1 7  ? -4.853  -9.923  -9.133  1.00 0.00 ? 7  LYS A CB   1 
ATOM 100 C CG   . LYS A 1 7  ? -3.972  -10.208 -10.337 1.00 0.00 ? 7  LYS A CG   1 
ATOM 101 C CD   . LYS A 1 7  ? -4.666  -9.911  -11.736 1.00 0.00 ? 7  LYS A CD   1 
ATOM 102 C CE   . LYS A 1 7  ? -3.900  -10.449 -12.952 1.00 0.00 ? 7  LYS A CE   1 
ATOM 103 N NZ   . LYS A 1 7  ? -4.548  -9.959  -14.185 1.00 0.00 ? 7  LYS A NZ   1 
ATOM 104 H H    . LYS A 1 7  ? -4.048  -11.840 -7.970  1.00 0.00 ? 7  LYS A H    1 
ATOM 105 H HA   . LYS A 1 7  ? -3.097  -9.264  -8.038  1.00 0.00 ? 7  LYS A HA   1 
ATOM 106 H HB2  . LYS A 1 7  ? -5.721  -10.616 -9.103  1.00 0.00 ? 7  LYS A HB2  1 
ATOM 107 H HB3  . LYS A 1 7  ? -5.357  -8.952  -9.327  1.00 0.00 ? 7  LYS A HB3  1 
ATOM 108 H HG2  . LYS A 1 7  ? -3.033  -9.613  -10.343 1.00 0.00 ? 7  LYS A HG2  1 
ATOM 109 H HG3  . LYS A 1 7  ? -3.690  -11.281 -10.390 1.00 0.00 ? 7  LYS A HG3  1 
ATOM 110 H HD2  . LYS A 1 7  ? -5.630  -10.463 -11.721 1.00 0.00 ? 7  LYS A HD2  1 
ATOM 111 H HD3  . LYS A 1 7  ? -4.800  -8.824  -11.924 1.00 0.00 ? 7  LYS A HD3  1 
ATOM 112 H HE2  . LYS A 1 7  ? -2.988  -9.829  -12.818 1.00 0.00 ? 7  LYS A HE2  1 
ATOM 113 H HE3  . LYS A 1 7  ? -3.756  -11.551 -12.981 1.00 0.00 ? 7  LYS A HE3  1 
ATOM 114 H HZ1  . LYS A 1 7  ? -4.665  -8.927  -14.217 1.00 0.00 ? 7  LYS A HZ1  1 
ATOM 115 H HZ2  . LYS A 1 7  ? -5.506  -10.363 -14.238 1.00 0.00 ? 7  LYS A HZ2  1 
ATOM 116 H HZ3  . LYS A 1 7  ? -3.989  -10.264 -15.007 1.00 0.00 ? 7  LYS A HZ3  1 
ATOM 117 N N    . ILE A 1 8  ? -5.642  -9.551  -6.013  1.00 0.00 ? 8  ILE A N    1 
ATOM 118 C CA   . ILE A 1 8  ? -6.446  -8.867  -5.077  1.00 0.00 ? 8  ILE A CA   1 
ATOM 119 C C    . ILE A 1 8  ? -5.600  -8.642  -3.801  1.00 0.00 ? 8  ILE A C    1 
ATOM 120 O O    . ILE A 1 8  ? -5.583  -7.527  -3.220  1.00 0.00 ? 8  ILE A O    1 
ATOM 121 C CB   . ILE A 1 8  ? -7.707  -9.547  -4.672  1.00 0.00 ? 8  ILE A CB   1 
ATOM 122 C CG1  . ILE A 1 8  ? -8.633  -9.741  -5.858  1.00 0.00 ? 8  ILE A CG1  1 
ATOM 123 C CG2  . ILE A 1 8  ? -8.391  -8.709  -3.635  1.00 0.00 ? 8  ILE A CG2  1 
ATOM 124 C CD1  . ILE A 1 8  ? -9.790  -10.676 -5.569  1.00 0.00 ? 8  ILE A CD1  1 
ATOM 125 H H    . ILE A 1 8  ? -5.853  -10.523 -6.084  1.00 0.00 ? 8  ILE A H    1 
ATOM 126 H HA   . ILE A 1 8  ? -6.635  -7.858  -5.415  1.00 0.00 ? 8  ILE A HA   1 
ATOM 127 H HB   . ILE A 1 8  ? -7.491  -10.535 -4.211  1.00 0.00 ? 8  ILE A HB   1 
ATOM 128 H HG12 . ILE A 1 8  ? -9.028  -8.763  -6.208  1.00 0.00 ? 8  ILE A HG12 1 
ATOM 129 H HG13 . ILE A 1 8  ? -8.062  -10.121 -6.732  1.00 0.00 ? 8  ILE A HG13 1 
ATOM 130 H HG21 . ILE A 1 8  ? -9.403  -9.101  -3.397  1.00 0.00 ? 8  ILE A HG21 1 
ATOM 131 H HG22 . ILE A 1 8  ? -8.543  -7.757  -4.187  1.00 0.00 ? 8  ILE A HG22 1 
ATOM 132 H HG23 . ILE A 1 8  ? -7.830  -8.606  -2.682  1.00 0.00 ? 8  ILE A HG23 1 
ATOM 133 H HD11 . ILE A 1 8  ? -9.760  -11.291 -4.643  1.00 0.00 ? 8  ILE A HD11 1 
ATOM 134 H HD12 . ILE A 1 8  ? -10.617 -9.965  -5.361  1.00 0.00 ? 8  ILE A HD12 1 
ATOM 135 H HD13 . ILE A 1 8  ? -10.040 -11.379 -6.392  1.00 0.00 ? 8  ILE A HD13 1 
ATOM 136 N N    . ILE A 1 9  ? -4.772  -9.627  -3.395  1.00 0.00 ? 9  ILE A N    1 
ATOM 137 C CA   . ILE A 1 9  ? -3.914  -9.556  -2.195  1.00 0.00 ? 9  ILE A CA   1 
ATOM 138 C C    . ILE A 1 9  ? -2.838  -8.472  -2.312  1.00 0.00 ? 9  ILE A C    1 
ATOM 139 O O    . ILE A 1 9  ? -2.627  -7.640  -1.446  1.00 0.00 ? 9  ILE A O    1 
ATOM 140 C CB   . ILE A 1 9  ? -3.429  -10.925 -1.671  1.00 0.00 ? 9  ILE A CB   1 
ATOM 141 C CG1  . ILE A 1 9  ? -2.831  -11.788 -2.812  1.00 0.00 ? 9  ILE A CG1  1 
ATOM 142 C CG2  . ILE A 1 9  ? -4.611  -11.651 -0.996  1.00 0.00 ? 9  ILE A CG2  1 
ATOM 143 C CD1  . ILE A 1 9  ? -2.018  -12.989 -2.369  1.00 0.00 ? 9  ILE A CD1  1 
ATOM 144 H H    . ILE A 1 9  ? -4.598  -10.347 -4.063  1.00 0.00 ? 9  ILE A H    1 
ATOM 145 H HA   . ILE A 1 9  ? -4.432  -9.190  -1.322  1.00 0.00 ? 9  ILE A HA   1 
ATOM 146 H HB   . ILE A 1 9  ? -2.663  -10.660 -0.912  1.00 0.00 ? 9  ILE A HB   1 
ATOM 147 H HG12 . ILE A 1 9  ? -3.672  -12.007 -3.504  1.00 0.00 ? 9  ILE A HG12 1 
ATOM 148 H HG13 . ILE A 1 9  ? -2.110  -11.165 -3.385  1.00 0.00 ? 9  ILE A HG13 1 
ATOM 149 H HG21 . ILE A 1 9  ? -4.142  -12.381 -0.301  1.00 0.00 ? 9  ILE A HG21 1 
ATOM 150 H HG22 . ILE A 1 9  ? -5.300  -12.162 -1.703  1.00 0.00 ? 9  ILE A HG22 1 
ATOM 151 H HG23 . ILE A 1 9  ? -5.128  -11.021 -0.241  1.00 0.00 ? 9  ILE A HG23 1 
ATOM 152 H HD11 . ILE A 1 9  ? -1.235  -12.733 -1.622  1.00 0.00 ? 9  ILE A HD11 1 
ATOM 153 H HD12 . ILE A 1 9  ? -2.639  -13.755 -1.857  1.00 0.00 ? 9  ILE A HD12 1 
ATOM 154 H HD13 . ILE A 1 9  ? -1.517  -13.455 -3.244  1.00 0.00 ? 9  ILE A HD13 1 
ATOM 155 N N    . ALA A 1 10 ? -2.153  -8.366  -3.441  1.00 0.00 ? 10 ALA A N    1 
ATOM 156 C CA   . ALA A 1 10 ? -1.280  -7.320  -3.862  1.00 0.00 ? 10 ALA A CA   1 
ATOM 157 C C    . ALA A 1 10 ? -1.842  -5.886  -3.916  1.00 0.00 ? 10 ALA A C    1 
ATOM 158 O O    . ALA A 1 10 ? -1.261  -4.880  -3.510  1.00 0.00 ? 10 ALA A O    1 
ATOM 159 C CB   . ALA A 1 10 ? -0.722  -7.765  -5.264  1.00 0.00 ? 10 ALA A CB   1 
ATOM 160 H H    . ALA A 1 10 ? -2.272  -9.072  -4.135  1.00 0.00 ? 10 ALA A H    1 
ATOM 161 H HA   . ALA A 1 10 ? -0.507  -7.365  -3.108  1.00 0.00 ? 10 ALA A HA   1 
ATOM 162 H HB1  . ALA A 1 10 ? -1.592  -7.848  -5.950  1.00 0.00 ? 10 ALA A HB1  1 
ATOM 163 H HB2  . ALA A 1 10 ? -0.255  -8.770  -5.193  1.00 0.00 ? 10 ALA A HB2  1 
ATOM 164 H HB3  . ALA A 1 10 ? -0.002  -7.004  -5.637  1.00 0.00 ? 10 ALA A HB3  1 
ATOM 165 N N    . LEU A 1 11 ? -3.060  -5.750  -4.438  1.00 0.00 ? 11 LEU A N    1 
ATOM 166 C CA   . LEU A 1 11 ? -3.806  -4.523  -4.453  1.00 0.00 ? 11 LEU A CA   1 
ATOM 167 C C    . LEU A 1 11 ? -4.128  -3.986  -3.031  1.00 0.00 ? 11 LEU A C    1 
ATOM 168 O O    . LEU A 1 11 ? -3.996  -2.815  -2.714  1.00 0.00 ? 11 LEU A O    1 
ATOM 169 C CB   . LEU A 1 11 ? -5.046  -4.736  -5.280  1.00 0.00 ? 11 LEU A CB   1 
ATOM 170 C CG   . LEU A 1 11 ? -5.930  -3.494  -5.687  1.00 0.00 ? 11 LEU A CG   1 
ATOM 171 C CD1  . LEU A 1 11 ? -5.182  -2.234  -6.183  1.00 0.00 ? 11 LEU A CD1  1 
ATOM 172 C CD2  . LEU A 1 11 ? -7.040  -3.830  -6.738  1.00 0.00 ? 11 LEU A CD2  1 
ATOM 173 H H    . LEU A 1 11 ? -3.480  -6.512  -4.926  1.00 0.00 ? 11 LEU A H    1 
ATOM 174 H HA   . LEU A 1 11 ? -3.181  -3.801  -4.956  1.00 0.00 ? 11 LEU A HA   1 
ATOM 175 H HB2  . LEU A 1 11 ? -4.737  -5.187  -6.246  1.00 0.00 ? 11 LEU A HB2  1 
ATOM 176 H HB3  . LEU A 1 11 ? -5.686  -5.426  -4.689  1.00 0.00 ? 11 LEU A HB3  1 
ATOM 177 H HG   . LEU A 1 11 ? -6.483  -3.125  -4.797  1.00 0.00 ? 11 LEU A HG   1 
ATOM 178 H HD11 . LEU A 1 11 ? -4.711  -2.409  -7.174  1.00 0.00 ? 11 LEU A HD11 1 
ATOM 179 H HD12 . LEU A 1 11 ? -4.405  -1.851  -5.487  1.00 0.00 ? 11 LEU A HD12 1 
ATOM 180 H HD13 . LEU A 1 11 ? -5.952  -1.439  -6.282  1.00 0.00 ? 11 LEU A HD13 1 
ATOM 181 H HD21 . LEU A 1 11 ? -6.615  -4.288  -7.657  1.00 0.00 ? 11 LEU A HD21 1 
ATOM 182 H HD22 . LEU A 1 11 ? -7.522  -2.869  -7.019  1.00 0.00 ? 11 LEU A HD22 1 
ATOM 183 H HD23 . LEU A 1 11 ? -7.873  -4.448  -6.342  1.00 0.00 ? 11 LEU A HD23 1 
ATOM 184 N N    . ILE A 1 12 ? -4.487  -4.972  -2.219  1.00 0.00 ? 12 ILE A N    1 
ATOM 185 C CA   . ILE A 1 12 ? -4.481  -4.727  -0.792  1.00 0.00 ? 12 ILE A CA   1 
ATOM 186 C C    . ILE A 1 12 ? -3.099  -4.234  -0.208  1.00 0.00 ? 12 ILE A C    1 
ATOM 187 O O    . ILE A 1 12 ? -3.119  -3.302  0.531   1.00 0.00 ? 12 ILE A O    1 
ATOM 188 C CB   . ILE A 1 12 ? -4.924  -6.017  -0.003  1.00 0.00 ? 12 ILE A CB   1 
ATOM 189 C CG1  . ILE A 1 12 ? -6.473  -6.214  -0.120  1.00 0.00 ? 12 ILE A CG1  1 
ATOM 190 C CG2  . ILE A 1 12 ? -4.478  -5.905  1.493   1.00 0.00 ? 12 ILE A CG2  1 
ATOM 191 C CD1  . ILE A 1 12 ? -6.912  -7.578  0.251   1.00 0.00 ? 12 ILE A CD1  1 
ATOM 192 H H    . ILE A 1 12 ? -4.509  -5.912  -2.551  1.00 0.00 ? 12 ILE A H    1 
ATOM 193 H HA   . ILE A 1 12 ? -5.146  -3.916  -0.532  1.00 0.00 ? 12 ILE A HA   1 
ATOM 194 H HB   . ILE A 1 12 ? -4.476  -6.965  -0.370  1.00 0.00 ? 12 ILE A HB   1 
ATOM 195 H HG12 . ILE A 1 12 ? -6.944  -5.398  0.467   1.00 0.00 ? 12 ILE A HG12 1 
ATOM 196 H HG13 . ILE A 1 12 ? -6.745  -6.041  -1.184  1.00 0.00 ? 12 ILE A HG13 1 
ATOM 197 H HG21 . ILE A 1 12 ? -5.127  -6.587  2.083   1.00 0.00 ? 12 ILE A HG21 1 
ATOM 198 H HG22 . ILE A 1 12 ? -4.818  -4.872  1.722   1.00 0.00 ? 12 ILE A HG22 1 
ATOM 199 H HG23 . ILE A 1 12 ? -3.411  -6.107  1.729   1.00 0.00 ? 12 ILE A HG23 1 
ATOM 200 H HD11 . ILE A 1 12 ? -6.670  -8.366  -0.493  1.00 0.00 ? 12 ILE A HD11 1 
ATOM 201 H HD12 . ILE A 1 12 ? -6.369  -7.955  1.144   1.00 0.00 ? 12 ILE A HD12 1 
ATOM 202 H HD13 . ILE A 1 12 ? -8.016  -7.621  0.374   1.00 0.00 ? 12 ILE A HD13 1 
ATOM 203 N N    . PHE A 1 13 ? -1.956  -4.901  -0.588  1.00 0.00 ? 13 PHE A N    1 
ATOM 204 C CA   . PHE A 1 13 ? -0.648  -4.562  -0.078  1.00 0.00 ? 13 PHE A CA   1 
ATOM 205 C C    . PHE A 1 13 ? -0.224  -3.077  -0.481  1.00 0.00 ? 13 PHE A C    1 
ATOM 206 O O    . PHE A 1 13 ? 0.307   -2.262  0.292   1.00 0.00 ? 13 PHE A O    1 
ATOM 207 C CB   . PHE A 1 13 ? 0.326   -5.709  -0.483  1.00 0.00 ? 13 PHE A CB   1 
ATOM 208 C CG   . PHE A 1 13 ? 1.699   -5.589  0.141   1.00 0.00 ? 13 PHE A CG   1 
ATOM 209 C CD1  . PHE A 1 13 ? 1.891   -5.251  1.544   1.00 0.00 ? 13 PHE A CD1  1 
ATOM 210 C CD2  . PHE A 1 13 ? 2.841   -5.604  -0.635  1.00 0.00 ? 13 PHE A CD2  1 
ATOM 211 C CE1  . PHE A 1 13 ? 3.090   -4.683  2.011   1.00 0.00 ? 13 PHE A CE1  1 
ATOM 212 C CE2  . PHE A 1 13 ? 4.115   -5.093  -0.155  1.00 0.00 ? 13 PHE A CE2  1 
ATOM 213 C CZ   . PHE A 1 13 ? 4.175   -4.591  1.153   1.00 0.00 ? 13 PHE A CZ   1 
ATOM 214 H H    . PHE A 1 13 ? -1.911  -5.760  -1.092  1.00 0.00 ? 13 PHE A H    1 
ATOM 215 H HA   . PHE A 1 13 ? -0.672  -4.556  1.002   1.00 0.00 ? 13 PHE A HA   1 
ATOM 216 H HB2  . PHE A 1 13 ? -0.177  -6.660  -0.200  1.00 0.00 ? 13 PHE A HB2  1 
ATOM 217 H HB3  . PHE A 1 13 ? 0.503   -5.789  -1.578  1.00 0.00 ? 13 PHE A HB3  1 
ATOM 218 H HD1  . PHE A 1 13 ? 1.048   -5.146  2.211   1.00 0.00 ? 13 PHE A HD1  1 
ATOM 219 H HD2  . PHE A 1 13 ? 2.788   -5.922  -1.666  1.00 0.00 ? 13 PHE A HD2  1 
ATOM 220 H HE1  . PHE A 1 13 ? 3.251   -4.499  3.063   1.00 0.00 ? 13 PHE A HE1  1 
ATOM 221 H HE2  . PHE A 1 13 ? 4.960   -4.999  -0.822  1.00 0.00 ? 13 PHE A HE2  1 
ATOM 222 H HZ   . PHE A 1 13 ? 5.174   -4.308  1.450   1.00 0.00 ? 13 PHE A HZ   1 
ATOM 223 N N    . LEU A 1 14 ? -0.587  -2.698  -1.729  1.00 0.00 ? 14 LEU A N    1 
ATOM 224 C CA   . LEU A 1 14 ? -0.357  -1.396  -2.278  1.00 0.00 ? 14 LEU A CA   1 
ATOM 225 C C    . LEU A 1 14 ? -1.148  -0.389  -1.606  1.00 0.00 ? 14 LEU A C    1 
ATOM 226 O O    . LEU A 1 14 ? -0.548  0.673   -1.267  1.00 0.00 ? 14 LEU A O    1 
ATOM 227 C CB   . LEU A 1 14 ? -0.791  -1.431  -3.759  1.00 0.00 ? 14 LEU A CB   1 
ATOM 228 C CG   . LEU A 1 14 ? -0.696  -0.166  -4.493  1.00 0.00 ? 14 LEU A CG   1 
ATOM 229 C CD1  . LEU A 1 14 ? 0.709   0.409   -4.387  1.00 0.00 ? 14 LEU A CD1  1 
ATOM 230 C CD2  . LEU A 1 14 ? -1.063  -0.396  -5.951  1.00 0.00 ? 14 LEU A CD2  1 
ATOM 231 H H    . LEU A 1 14 ? -1.030  -3.415  -2.261  1.00 0.00 ? 14 LEU A H    1 
ATOM 232 H HA   . LEU A 1 14 ? 0.687   -1.158  -2.137  1.00 0.00 ? 14 LEU A HA   1 
ATOM 233 H HB2  . LEU A 1 14 ? -0.090  -2.205  -4.136  1.00 0.00 ? 14 LEU A HB2  1 
ATOM 234 H HB3  . LEU A 1 14 ? -1.779  -1.918  -3.906  1.00 0.00 ? 14 LEU A HB3  1 
ATOM 235 H HG   . LEU A 1 14 ? -1.355  0.607   -4.041  1.00 0.00 ? 14 LEU A HG   1 
ATOM 236 H HD11 . LEU A 1 14 ? 1.470   -0.375  -4.588  1.00 0.00 ? 14 LEU A HD11 1 
ATOM 237 H HD12 . LEU A 1 14 ? 0.880   0.806   -3.364  1.00 0.00 ? 14 LEU A HD12 1 
ATOM 238 H HD13 . LEU A 1 14 ? 0.817   1.223   -5.135  1.00 0.00 ? 14 LEU A HD13 1 
ATOM 239 H HD21 . LEU A 1 14 ? -0.974  0.546   -6.533  1.00 0.00 ? 14 LEU A HD21 1 
ATOM 240 H HD22 . LEU A 1 14 ? -2.049  -0.893  -6.066  1.00 0.00 ? 14 LEU A HD22 1 
ATOM 241 H HD23 . LEU A 1 14 ? -0.320  -1.074  -6.421  1.00 0.00 ? 14 LEU A HD23 1 
ATOM 242 N N    . LEU A 1 15 ? -2.504  -0.504  -1.418  1.00 0.00 ? 15 LEU A N    1 
ATOM 243 C CA   . LEU A 1 15 ? -3.465  0.400   -0.772  1.00 0.00 ? 15 LEU A CA   1 
ATOM 244 C C    . LEU A 1 15 ? -3.116  0.689   0.709   1.00 0.00 ? 15 LEU A C    1 
ATOM 245 O O    . LEU A 1 15 ? -3.080  1.871   1.102   1.00 0.00 ? 15 LEU A O    1 
ATOM 246 C CB   . LEU A 1 15 ? -4.954  0.025   -1.043  1.00 0.00 ? 15 LEU A CB   1 
ATOM 247 C CG   . LEU A 1 15 ? -5.272  0.253   -2.518  1.00 0.00 ? 15 LEU A CG   1 
ATOM 248 C CD1  . LEU A 1 15 ? -6.398  -0.613  -2.993  1.00 0.00 ? 15 LEU A CD1  1 
ATOM 249 C CD2  . LEU A 1 15 ? -5.511  1.740   -2.709  1.00 0.00 ? 15 LEU A CD2  1 
ATOM 250 H H    . LEU A 1 15 ? -2.937  -1.366  -1.673  1.00 0.00 ? 15 LEU A H    1 
ATOM 251 H HA   . LEU A 1 15 ? -3.215  1.348   -1.226  1.00 0.00 ? 15 LEU A HA   1 
ATOM 252 H HB2  . LEU A 1 15 ? -5.014  -1.084  -1.062  1.00 0.00 ? 15 LEU A HB2  1 
ATOM 253 H HB3  . LEU A 1 15 ? -5.704  0.537   -0.403  1.00 0.00 ? 15 LEU A HB3  1 
ATOM 254 H HG   . LEU A 1 15 ? -4.378  0.024   -3.135  1.00 0.00 ? 15 LEU A HG   1 
ATOM 255 H HD11 . LEU A 1 15 ? -6.594  -0.457  -4.075  1.00 0.00 ? 15 LEU A HD11 1 
ATOM 256 H HD12 . LEU A 1 15 ? -7.409  -0.548  -2.536  1.00 0.00 ? 15 LEU A HD12 1 
ATOM 257 H HD13 . LEU A 1 15 ? -6.030  -1.655  -2.883  1.00 0.00 ? 15 LEU A HD13 1 
ATOM 258 H HD21 . LEU A 1 15 ? -4.737  2.383   -2.236  1.00 0.00 ? 15 LEU A HD21 1 
ATOM 259 H HD22 . LEU A 1 15 ? -6.545  2.021   -2.417  1.00 0.00 ? 15 LEU A HD22 1 
ATOM 260 H HD23 . LEU A 1 15 ? -5.415  1.995   -3.787  1.00 0.00 ? 15 LEU A HD23 1 
ATOM 261 N N    . ILE A 1 16 ? -2.823  -0.371  1.484   1.00 0.00 ? 16 ILE A N    1 
ATOM 262 C CA   . ILE A 1 16 ? -2.284  -0.189  2.833   1.00 0.00 ? 16 ILE A CA   1 
ATOM 263 C C    . ILE A 1 16 ? -0.843  0.458   2.923   1.00 0.00 ? 16 ILE A C    1 
ATOM 264 O O    . ILE A 1 16 ? -0.649  1.401   3.674   1.00 0.00 ? 16 ILE A O    1 
ATOM 265 C CB   . ILE A 1 16 ? -2.442  -1.445  3.817   1.00 0.00 ? 16 ILE A CB   1 
ATOM 266 C CG1  . ILE A 1 16 ? -3.781  -2.231  3.724   1.00 0.00 ? 16 ILE A CG1  1 
ATOM 267 C CG2  . ILE A 1 16 ? -2.125  -0.819  5.252   1.00 0.00 ? 16 ILE A CG2  1 
ATOM 268 C CD1  . ILE A 1 16 ? -3.968  -3.380  4.768   1.00 0.00 ? 16 ILE A CD1  1 
ATOM 269 H H    . ILE A 1 16 ? -2.748  -1.333  1.234   1.00 0.00 ? 16 ILE A H    1 
ATOM 270 H HA   . ILE A 1 16 ? -2.830  0.593   3.341   1.00 0.00 ? 16 ILE A HA   1 
ATOM 271 H HB   . ILE A 1 16 ? -1.553  -2.102  3.705   1.00 0.00 ? 16 ILE A HB   1 
ATOM 272 H HG12 . ILE A 1 16 ? -4.687  -1.589  3.714   1.00 0.00 ? 16 ILE A HG12 1 
ATOM 273 H HG13 . ILE A 1 16 ? -3.734  -2.852  2.805   1.00 0.00 ? 16 ILE A HG13 1 
ATOM 274 H HG21 . ILE A 1 16 ? -2.921  -0.074  5.465   1.00 0.00 ? 16 ILE A HG21 1 
ATOM 275 H HG22 . ILE A 1 16 ? -1.267  -0.134  5.428   1.00 0.00 ? 16 ILE A HG22 1 
ATOM 276 H HG23 . ILE A 1 16 ? -2.100  -1.557  6.082   1.00 0.00 ? 16 ILE A HG23 1 
ATOM 277 H HD11 . ILE A 1 16 ? -4.858  -4.010  4.560   1.00 0.00 ? 16 ILE A HD11 1 
ATOM 278 H HD12 . ILE A 1 16 ? -3.105  -4.081  4.754   1.00 0.00 ? 16 ILE A HD12 1 
ATOM 279 H HD13 . ILE A 1 16 ? -4.075  -2.895  5.761   1.00 0.00 ? 16 ILE A HD13 1 
ATOM 280 N N    . SER A 1 17 ? 0.044   0.115   1.971   1.00 0.00 ? 17 SER A N    1 
ATOM 281 C CA   . SER A 1 17 ? 1.307   0.750   1.840   1.00 0.00 ? 17 SER A CA   1 
ATOM 282 C C    . SER A 1 17 ? 1.151   2.225   1.474   1.00 0.00 ? 17 SER A C    1 
ATOM 283 O O    . SER A 1 17 ? 1.769   3.051   2.050   1.00 0.00 ? 17 SER A O    1 
ATOM 284 C CB   . SER A 1 17 ? 2.242   0.219   0.750   1.00 0.00 ? 17 SER A CB   1 
ATOM 285 O OG   . SER A 1 17 ? 2.787   -1.078  0.990   1.00 0.00 ? 17 SER A OG   1 
ATOM 286 H H    . SER A 1 17 ? -0.235  -0.637  1.379   1.00 0.00 ? 17 SER A H    1 
ATOM 287 H HA   . SER A 1 17 ? 1.789   0.666   2.803   1.00 0.00 ? 17 SER A HA   1 
ATOM 288 H HB2  . SER A 1 17 ? 1.648   0.127   -0.184  1.00 0.00 ? 17 SER A HB2  1 
ATOM 289 H HB3  . SER A 1 17 ? 3.159   0.804   0.526   1.00 0.00 ? 17 SER A HB3  1 
ATOM 290 H HG   . SER A 1 17 ? 2.001   -1.597  0.802   1.00 0.00 ? 17 SER A HG   1 
ATOM 291 N N    . LEU A 1 18 ? 0.244   2.524   0.568   1.00 0.00 ? 18 LEU A N    1 
ATOM 292 C CA   . LEU A 1 18 ? -0.100  3.877   0.207   1.00 0.00 ? 18 LEU A CA   1 
ATOM 293 C C    . LEU A 1 18 ? -0.653  4.810   1.376   1.00 0.00 ? 18 LEU A C    1 
ATOM 294 O O    . LEU A 1 18 ? -0.197  5.971   1.538   1.00 0.00 ? 18 LEU A O    1 
ATOM 295 C CB   . LEU A 1 18 ? -1.143  3.869   -0.970  1.00 0.00 ? 18 LEU A CB   1 
ATOM 296 C CG   . LEU A 1 18 ? -1.494  5.189   -1.614  1.00 0.00 ? 18 LEU A CG   1 
ATOM 297 C CD1  . LEU A 1 18 ? -0.183  5.888   -2.041  1.00 0.00 ? 18 LEU A CD1  1 
ATOM 298 C CD2  . LEU A 1 18 ? -2.490  5.059   -2.755  1.00 0.00 ? 18 LEU A CD2  1 
ATOM 299 H H    . LEU A 1 18 ? -0.281  1.840   0.069   1.00 0.00 ? 18 LEU A H    1 
ATOM 300 H HA   . LEU A 1 18 ? 0.787   4.336   -0.204  1.00 0.00 ? 18 LEU A HA   1 
ATOM 301 H HB2  . LEU A 1 18 ? -0.600  3.200   -1.673  1.00 0.00 ? 18 LEU A HB2  1 
ATOM 302 H HB3  . LEU A 1 18 ? -2.122  3.403   -0.732  1.00 0.00 ? 18 LEU A HB3  1 
ATOM 303 H HG   . LEU A 1 18 ? -1.926  5.754   -0.760  1.00 0.00 ? 18 LEU A HG   1 
ATOM 304 H HD11 . LEU A 1 18 ? 0.440   6.181   -1.169  1.00 0.00 ? 18 LEU A HD11 1 
ATOM 305 H HD12 . LEU A 1 18 ? -0.416  6.671   -2.793  1.00 0.00 ? 18 LEU A HD12 1 
ATOM 306 H HD13 . LEU A 1 18 ? 0.456   5.092   -2.479  1.00 0.00 ? 18 LEU A HD13 1 
ATOM 307 H HD21 . LEU A 1 18 ? -2.001  4.376   -3.482  1.00 0.00 ? 18 LEU A HD21 1 
ATOM 308 H HD22 . LEU A 1 18 ? -2.571  6.077   -3.192  1.00 0.00 ? 18 LEU A HD22 1 
ATOM 309 H HD23 . LEU A 1 18 ? -3.458  4.617   -2.433  1.00 0.00 ? 18 LEU A HD23 1 
ATOM 310 N N    . LEU A 1 19 ? -1.639  4.381   2.113   1.00 0.00 ? 19 LEU A N    1 
ATOM 311 C CA   . LEU A 1 19 ? -2.160  4.809   3.393   1.00 0.00 ? 19 LEU A CA   1 
ATOM 312 C C    . LEU A 1 19 ? -1.075  5.099   4.478   1.00 0.00 ? 19 LEU A C    1 
ATOM 313 O O    . LEU A 1 19 ? -0.930  6.186   4.910   1.00 0.00 ? 19 LEU A O    1 
ATOM 314 C CB   . LEU A 1 19 ? -3.236  3.846   3.932   1.00 0.00 ? 19 LEU A CB   1 
ATOM 315 C CG   . LEU A 1 19 ? -4.059  4.362   5.220   1.00 0.00 ? 19 LEU A CG   1 
ATOM 316 C CD1  . LEU A 1 19 ? -4.610  5.774   5.015   1.00 0.00 ? 19 LEU A CD1  1 
ATOM 317 C CD2  . LEU A 1 19 ? -5.147  3.242   5.530   1.00 0.00 ? 19 LEU A CD2  1 
ATOM 318 H H    . LEU A 1 19 ? -2.064  3.518   1.851   1.00 0.00 ? 19 LEU A H    1 
ATOM 319 H HA   . LEU A 1 19 ? -2.646  5.738   3.136   1.00 0.00 ? 19 LEU A HA   1 
ATOM 320 H HB2  . LEU A 1 19 ? -3.980  3.601   3.145   1.00 0.00 ? 19 LEU A HB2  1 
ATOM 321 H HB3  . LEU A 1 19 ? -2.679  2.941   4.258   1.00 0.00 ? 19 LEU A HB3  1 
ATOM 322 H HG   . LEU A 1 19 ? -3.449  4.350   6.148   1.00 0.00 ? 19 LEU A HG   1 
ATOM 323 H HD11 . LEU A 1 19 ? -3.838  6.515   4.716   1.00 0.00 ? 19 LEU A HD11 1 
ATOM 324 H HD12 . LEU A 1 19 ? -5.243  6.108   5.864   1.00 0.00 ? 19 LEU A HD12 1 
ATOM 325 H HD13 . LEU A 1 19 ? -5.349  5.788   4.186   1.00 0.00 ? 19 LEU A HD13 1 
ATOM 326 H HD21 . LEU A 1 19 ? -4.612  2.269   5.559   1.00 0.00 ? 19 LEU A HD21 1 
ATOM 327 H HD22 . LEU A 1 19 ? -5.900  3.208   4.713   1.00 0.00 ? 19 LEU A HD22 1 
ATOM 328 H HD23 . LEU A 1 19 ? -5.611  3.417   6.524   1.00 0.00 ? 19 LEU A HD23 1 
ATOM 329 N N    . VAL A 1 20 ? -0.176  4.152   4.748   1.00 0.00 ? 20 VAL A N    1 
ATOM 330 C CA   . VAL A 1 20 ? 1.093   4.401   5.431   1.00 0.00 ? 20 VAL A CA   1 
ATOM 331 C C    . VAL A 1 20 ? 1.966   5.567   4.847   1.00 0.00 ? 20 VAL A C    1 
ATOM 332 O O    . VAL A 1 20 ? 2.409   6.413   5.641   1.00 0.00 ? 20 VAL A O    1 
ATOM 333 C CB   . VAL A 1 20 ? 1.880   3.102   5.493   1.00 0.00 ? 20 VAL A CB   1 
ATOM 334 C CG1  . VAL A 1 20 ? 3.242   3.366   6.115   1.00 0.00 ? 20 VAL A CG1  1 
ATOM 335 C CG2  . VAL A 1 20 ? 1.091   2.037   6.383   1.00 0.00 ? 20 VAL A CG2  1 
ATOM 336 H H    . VAL A 1 20 ? -0.239  3.247   4.335   1.00 0.00 ? 20 VAL A H    1 
ATOM 337 H HA   . VAL A 1 20 ? 0.927   4.653   6.469   1.00 0.00 ? 20 VAL A HA   1 
ATOM 338 H HB   . VAL A 1 20 ? 1.966   2.712   4.456   1.00 0.00 ? 20 VAL A HB   1 
ATOM 339 H HG11 . VAL A 1 20 ? 3.086   3.883   7.086   1.00 0.00 ? 20 VAL A HG11 1 
ATOM 340 H HG12 . VAL A 1 20 ? 3.978   3.950   5.523   1.00 0.00 ? 20 VAL A HG12 1 
ATOM 341 H HG13 . VAL A 1 20 ? 3.719   2.388   6.342   1.00 0.00 ? 20 VAL A HG13 1 
ATOM 342 H HG21 . VAL A 1 20 ? 0.060   1.869   6.002   1.00 0.00 ? 20 VAL A HG21 1 
ATOM 343 H HG22 . VAL A 1 20 ? 0.845   2.447   7.386   1.00 0.00 ? 20 VAL A HG22 1 
ATOM 344 H HG23 . VAL A 1 20 ? 1.578   1.052   6.552   1.00 0.00 ? 20 VAL A HG23 1 
ATOM 345 N N    . LEU A 1 21 ? 2.223   5.593   3.521   1.00 0.00 ? 21 LEU A N    1 
ATOM 346 C CA   . LEU A 1 21 ? 2.944   6.703   2.913   1.00 0.00 ? 21 LEU A CA   1 
ATOM 347 C C    . LEU A 1 21 ? 2.267   8.036   3.193   1.00 0.00 ? 21 LEU A C    1 
ATOM 348 O O    . LEU A 1 21 ? 2.962   8.901   3.675   1.00 0.00 ? 21 LEU A O    1 
ATOM 349 C CB   . LEU A 1 21 ? 3.136   6.407   1.362   1.00 0.00 ? 21 LEU A CB   1 
ATOM 350 C CG   . LEU A 1 21 ? 3.854   7.452   0.443   1.00 0.00 ? 21 LEU A CG   1 
ATOM 351 C CD1  . LEU A 1 21 ? 5.285   7.841   0.924   1.00 0.00 ? 21 LEU A CD1  1 
ATOM 352 C CD2  . LEU A 1 21 ? 3.839   6.838   -1.007  1.00 0.00 ? 21 LEU A CD2  1 
ATOM 353 H H    . LEU A 1 21 ? 1.962   4.884   2.871   1.00 0.00 ? 21 LEU A H    1 
ATOM 354 H HA   . LEU A 1 21 ? 3.893   6.783   3.423   1.00 0.00 ? 21 LEU A HA   1 
ATOM 355 H HB2  . LEU A 1 21 ? 3.659   5.432   1.268   1.00 0.00 ? 21 LEU A HB2  1 
ATOM 356 H HB3  . LEU A 1 21 ? 2.101   6.257   0.988   1.00 0.00 ? 21 LEU A HB3  1 
ATOM 357 H HG   . LEU A 1 21 ? 3.225   8.368   0.454   1.00 0.00 ? 21 LEU A HG   1 
ATOM 358 H HD11 . LEU A 1 21 ? 5.365   8.441   1.855   1.00 0.00 ? 21 LEU A HD11 1 
ATOM 359 H HD12 . LEU A 1 21 ? 5.866   8.408   0.165   1.00 0.00 ? 21 LEU A HD12 1 
ATOM 360 H HD13 . LEU A 1 21 ? 5.837   6.932   1.245   1.00 0.00 ? 21 LEU A HD13 1 
ATOM 361 H HD21 . LEU A 1 21 ? 2.904   6.516   -1.513  1.00 0.00 ? 21 LEU A HD21 1 
ATOM 362 H HD22 . LEU A 1 21 ? 4.441   5.915   -0.867  1.00 0.00 ? 21 LEU A HD22 1 
ATOM 363 H HD23 . LEU A 1 21 ? 4.328   7.468   -1.780  1.00 0.00 ? 21 LEU A HD23 1 
ATOM 364 N N    . CYS A 1 22 ? 0.858   8.166   3.008   1.00 0.00 ? 22 CYS A N    1 
ATOM 365 C CA   . CYS A 1 22 ? 0.187   9.409   3.138   1.00 0.00 ? 22 CYS A CA   1 
ATOM 366 C C    . CYS A 1 22 ? 0.352   9.915   4.543   1.00 0.00 ? 22 CYS A C    1 
ATOM 367 O O    . CYS A 1 22 ? 0.613   11.064  4.859   1.00 0.00 ? 22 CYS A O    1 
ATOM 368 C CB   . CYS A 1 22 ? -1.249  9.335   2.643   1.00 0.00 ? 22 CYS A CB   1 
ATOM 369 S SG   . CYS A 1 22 ? -1.245  8.989   0.885   1.00 0.00 ? 22 CYS A SG   1 
ATOM 370 H H    . CYS A 1 22 ? 0.418   7.482   2.433   1.00 0.00 ? 22 CYS A H    1 
ATOM 371 H HA   . CYS A 1 22 ? 0.753   10.039  2.467   1.00 0.00 ? 22 CYS A HA   1 
ATOM 372 H HB2  . CYS A 1 22 ? -1.687  8.464   3.176   1.00 0.00 ? 22 CYS A HB2  1 
ATOM 373 H HB3  . CYS A 1 22 ? -1.758  10.285  2.913   1.00 0.00 ? 22 CYS A HB3  1 
ATOM 374 H HG   . CYS A 1 22 ? -0.797  7.766   1.129   1.00 0.00 ? 22 CYS A HG   1 
ATOM 375 N N    . LEU A 1 23 ? 0.210   9.041   5.492   1.00 0.00 ? 23 LEU A N    1 
ATOM 376 C CA   . LEU A 1 23 ? 0.226   9.345   6.878   1.00 0.00 ? 23 LEU A CA   1 
ATOM 377 C C    . LEU A 1 23 ? 1.566   9.777   7.374   1.00 0.00 ? 23 LEU A C    1 
ATOM 378 O O    . LEU A 1 23 ? 1.675   10.678  8.264   1.00 0.00 ? 23 LEU A O    1 
ATOM 379 C CB   . LEU A 1 23 ? -0.285  8.233   7.768   1.00 0.00 ? 23 LEU A CB   1 
ATOM 380 C CG   . LEU A 1 23 ? -1.762  7.751   7.586   1.00 0.00 ? 23 LEU A CG   1 
ATOM 381 C CD1  . LEU A 1 23 ? -2.130  6.206   7.913   1.00 0.00 ? 23 LEU A CD1  1 
ATOM 382 C CD2  . LEU A 1 23 ? -2.783  8.694   8.202   1.00 0.00 ? 23 LEU A CD2  1 
ATOM 383 H H    . LEU A 1 23 ? -0.090  8.098   5.375   1.00 0.00 ? 23 LEU A H    1 
ATOM 384 H HA   . LEU A 1 23 ? -0.386  10.231  6.958   1.00 0.00 ? 23 LEU A HA   1 
ATOM 385 H HB2  . LEU A 1 23 ? 0.363   7.331   7.737   1.00 0.00 ? 23 LEU A HB2  1 
ATOM 386 H HB3  . LEU A 1 23 ? -0.177  8.442   8.854   1.00 0.00 ? 23 LEU A HB3  1 
ATOM 387 H HG   . LEU A 1 23 ? -1.955  7.731   6.492   1.00 0.00 ? 23 LEU A HG   1 
ATOM 388 H HD11 . LEU A 1 23 ? -3.174  6.031   7.574   1.00 0.00 ? 23 LEU A HD11 1 
ATOM 389 H HD12 . LEU A 1 23 ? -1.952  5.922   8.973   1.00 0.00 ? 23 LEU A HD12 1 
ATOM 390 H HD13 . LEU A 1 23 ? -1.619  5.434   7.298   1.00 0.00 ? 23 LEU A HD13 1 
ATOM 391 H HD21 . LEU A 1 23 ? -2.677  8.669   9.308   1.00 0.00 ? 23 LEU A HD21 1 
ATOM 392 H HD22 . LEU A 1 23 ? -3.824  8.360   8.001   1.00 0.00 ? 23 LEU A HD22 1 
ATOM 393 H HD23 . LEU A 1 23 ? -2.589  9.781   8.077   1.00 0.00 ? 23 LEU A HD23 1 
ATOM 394 N N    . ALA A 1 24 ? 2.628   9.072   6.909   1.00 0.00 ? 24 ALA A N    1 
ATOM 395 C CA   . ALA A 1 24 ? 4.049   9.353   7.252   1.00 0.00 ? 24 ALA A CA   1 
ATOM 396 C C    . ALA A 1 24 ? 4.535   10.643  6.635   1.00 0.00 ? 24 ALA A C    1 
ATOM 397 O O    . ALA A 1 24 ? 5.369   11.289  7.145   1.00 0.00 ? 24 ALA A O    1 
ATOM 398 C CB   . ALA A 1 24 ? 4.889   8.199   6.661   1.00 0.00 ? 24 ALA A CB   1 
ATOM 399 H H    . ALA A 1 24 ? 2.495   8.265   6.339   1.00 0.00 ? 24 ALA A H    1 
ATOM 400 H HA   . ALA A 1 24 ? 4.252   9.601   8.283   1.00 0.00 ? 24 ALA A HA   1 
ATOM 401 H HB1  . ALA A 1 24 ? 4.877   8.032   5.562   1.00 0.00 ? 24 ALA A HB1  1 
ATOM 402 H HB2  . ALA A 1 24 ? 4.555   7.228   7.086   1.00 0.00 ? 24 ALA A HB2  1 
ATOM 403 H HB3  . ALA A 1 24 ? 5.922   8.551   6.868   1.00 0.00 ? 24 ALA A HB3  1 
ATOM 404 N N    . LEU A 1 25 ? 3.995   10.997  5.421   1.00 0.00 ? 25 LEU A N    1 
ATOM 405 C CA   . LEU A 1 25 ? 4.179   12.299  4.791   1.00 0.00 ? 25 LEU A CA   1 
ATOM 406 C C    . LEU A 1 25 ? 3.470   13.377  5.544   1.00 0.00 ? 25 LEU A C    1 
ATOM 407 O O    . LEU A 1 25 ? 3.970   14.470  5.743   1.00 0.00 ? 25 LEU A O    1 
ATOM 408 C CB   . LEU A 1 25 ? 3.773   12.211  3.260   1.00 0.00 ? 25 LEU A CB   1 
ATOM 409 C CG   . LEU A 1 25 ? 4.705   11.573  2.337   1.00 0.00 ? 25 LEU A CG   1 
ATOM 410 C CD1  . LEU A 1 25 ? 4.026   11.472  0.968   1.00 0.00 ? 25 LEU A CD1  1 
ATOM 411 C CD2  . LEU A 1 25 ? 6.103   12.356  2.286   1.00 0.00 ? 25 LEU A CD2  1 
ATOM 412 H H    . LEU A 1 25 ? 3.377   10.367  4.958   1.00 0.00 ? 25 LEU A H    1 
ATOM 413 H HA   . LEU A 1 25 ? 5.203   12.627  4.885   1.00 0.00 ? 25 LEU A HA   1 
ATOM 414 H HB2  . LEU A 1 25 ? 2.770   11.733  3.277   1.00 0.00 ? 25 LEU A HB2  1 
ATOM 415 H HB3  . LEU A 1 25 ? 3.667   13.254  2.892   1.00 0.00 ? 25 LEU A HB3  1 
ATOM 416 H HG   . LEU A 1 25 ? 4.897   10.502  2.563   1.00 0.00 ? 25 LEU A HG   1 
ATOM 417 H HD11 . LEU A 1 25 ? 4.610   10.877  0.233   1.00 0.00 ? 25 LEU A HD11 1 
ATOM 418 H HD12 . LEU A 1 25 ? 3.886   12.473  0.509   1.00 0.00 ? 25 LEU A HD12 1 
ATOM 419 H HD13 . LEU A 1 25 ? 2.971   11.137  1.069   1.00 0.00 ? 25 LEU A HD13 1 
ATOM 420 H HD21 . LEU A 1 25 ? 6.598   11.921  3.180   1.00 0.00 ? 25 LEU A HD21 1 
ATOM 421 H HD22 . LEU A 1 25 ? 5.947   13.453  2.371   1.00 0.00 ? 25 LEU A HD22 1 
ATOM 422 H HD23 . LEU A 1 25 ? 6.666   11.979  1.405   1.00 0.00 ? 25 LEU A HD23 1 
ATOM 423 N N    . TRP A 1 26 ? 2.178   13.208  5.948   1.00 0.00 ? 26 TRP A N    1 
ATOM 424 C CA   . TRP A 1 26 ? 1.411   14.277  6.476   1.00 0.00 ? 26 TRP A CA   1 
ATOM 425 C C    . TRP A 1 26 ? 1.834   14.687  7.936   1.00 0.00 ? 26 TRP A C    1 
ATOM 426 O O    . TRP A 1 26 ? 2.046   15.871  8.224   1.00 0.00 ? 26 TRP A O    1 
ATOM 427 C CB   . TRP A 1 26 ? -0.002  13.659  6.603   1.00 0.00 ? 26 TRP A CB   1 
ATOM 428 C CG   . TRP A 1 26 ? -1.161  14.556  7.126   1.00 0.00 ? 26 TRP A CG   1 
ATOM 429 C CD1  . TRP A 1 26 ? -1.332  15.910  7.017   1.00 0.00 ? 26 TRP A CD1  1 
ATOM 430 C CD2  . TRP A 1 26 ? -2.342  14.009  7.777   1.00 0.00 ? 26 TRP A CD2  1 
ATOM 431 N NE1  . TRP A 1 26 ? -2.533  16.217  7.513   1.00 0.00 ? 26 TRP A NE1  1 
ATOM 432 C CE2  . TRP A 1 26 ? -3.151  15.088  7.993   1.00 0.00 ? 26 TRP A CE2  1 
ATOM 433 C CE3  . TRP A 1 26 ? -2.729  12.700  8.099   1.00 0.00 ? 26 TRP A CE3  1 
ATOM 434 C CZ2  . TRP A 1 26 ? -4.411  14.879  8.524   1.00 0.00 ? 26 TRP A CZ2  1 
ATOM 435 C CZ3  . TRP A 1 26 ? -3.955  12.526  8.693   1.00 0.00 ? 26 TRP A CZ3  1 
ATOM 436 C CH2  . TRP A 1 26 ? -4.798  13.612  8.874   1.00 0.00 ? 26 TRP A CH2  1 
ATOM 437 H H    . TRP A 1 26 ? 1.665   12.368  5.787   1.00 0.00 ? 26 TRP A H    1 
ATOM 438 H HA   . TRP A 1 26 ? 1.420   15.151  5.841   1.00 0.00 ? 26 TRP A HA   1 
ATOM 439 H HB2  . TRP A 1 26 ? -0.432  13.173  5.701   1.00 0.00 ? 26 TRP A HB2  1 
ATOM 440 H HB3  . TRP A 1 26 ? 0.111   12.803  7.302   1.00 0.00 ? 26 TRP A HB3  1 
ATOM 441 H HD1  . TRP A 1 26 ? -0.591  16.660  6.785   1.00 0.00 ? 26 TRP A HD1  1 
ATOM 442 H HE1  . TRP A 1 26 ? -2.915  17.084  7.744   1.00 0.00 ? 26 TRP A HE1  1 
ATOM 443 H HE3  . TRP A 1 26 ? -2.031  11.898  7.912   1.00 0.00 ? 26 TRP A HE3  1 
ATOM 444 H HZ2  . TRP A 1 26 ? -5.085  15.691  8.756   1.00 0.00 ? 26 TRP A HZ2  1 
ATOM 445 H HZ3  . TRP A 1 26 ? -4.368  11.549  8.892   1.00 0.00 ? 26 TRP A HZ3  1 
ATOM 446 H HH2  . TRP A 1 26 ? -5.657  13.403  9.494   1.00 0.00 ? 26 TRP A HH2  1 
ATOM 447 N N    . GLN A 1 27 ? 2.001   13.720  8.797   1.00 0.00 ? 27 GLN A N    1 
ATOM 448 C CA   . GLN A 1 27 ? 2.284   13.960  10.147  1.00 0.00 ? 27 GLN A CA   1 
ATOM 449 C C    . GLN A 1 27 ? 3.289   12.924  10.743  1.00 0.00 ? 27 GLN A C    1 
ATOM 450 O O    . GLN A 1 27 ? 3.519   11.861  10.207  1.00 0.00 ? 27 GLN A O    1 
ATOM 451 C CB   . GLN A 1 27 ? 0.922   13.887  10.905  1.00 0.00 ? 27 GLN A CB   1 
ATOM 452 C CG   . GLN A 1 27 ? 0.048   12.597  10.734  1.00 0.00 ? 27 GLN A CG   1 
ATOM 453 C CD   . GLN A 1 27 ? -1.090  12.638  11.763  1.00 0.00 ? 27 GLN A CD   1 
ATOM 454 O OE1  . GLN A 1 27 ? -1.013  12.976  12.956  1.00 0.00 ? 27 GLN A OE1  1 
ATOM 455 N NE2  . GLN A 1 27 ? -2.261  12.193  11.218  1.00 0.00 ? 27 GLN A NE2  1 
ATOM 456 H H    . GLN A 1 27 ? 2.026   12.759  8.536   1.00 0.00 ? 27 GLN A H    1 
ATOM 457 H HA   . GLN A 1 27 ? 2.737   14.935  10.250  1.00 0.00 ? 27 GLN A HA   1 
ATOM 458 H HB2  . GLN A 1 27 ? 1.018   14.069  11.997  1.00 0.00 ? 27 GLN A HB2  1 
ATOM 459 H HB3  . GLN A 1 27 ? 0.351   14.769  10.543  1.00 0.00 ? 27 GLN A HB3  1 
ATOM 460 H HG2  . GLN A 1 27 ? -0.319  12.600  9.686   1.00 0.00 ? 27 GLN A HG2  1 
ATOM 461 H HG3  . GLN A 1 27 ? 0.661   11.694  10.944  1.00 0.00 ? 27 GLN A HG3  1 
ATOM 462 H HE21 . GLN A 1 27 ? -2.275  11.980  10.241  1.00 0.00 ? 27 GLN A HE21 1 
ATOM 463 H HE22 . GLN A 1 27 ? -2.970  11.956  11.883  1.00 0.00 ? 27 GLN A HE22 1 
ATOM 464 N N    . ILE A 1 28 ? 3.781   13.204  11.977  1.00 0.00 ? 28 ILE A N    1 
ATOM 465 C CA   . ILE A 1 28 ? 4.690   12.407  12.766  1.00 0.00 ? 28 ILE A CA   1 
ATOM 466 C C    . ILE A 1 28 ? 6.044   12.236  12.234  1.00 0.00 ? 28 ILE A C    1 
ATOM 467 O O    . ILE A 1 28 ? 6.314   11.425  11.345  1.00 0.00 ? 28 ILE A O    1 
ATOM 468 C CB   . ILE A 1 28 ? 4.009   11.143  13.390  1.00 0.00 ? 28 ILE A CB   1 
ATOM 469 C CG1  . ILE A 1 28 ? 2.633   11.458  13.887  1.00 0.00 ? 28 ILE A CG1  1 
ATOM 470 C CG2  . ILE A 1 28 ? 4.840   10.495  14.476  1.00 0.00 ? 28 ILE A CG2  1 
ATOM 471 C CD1  . ILE A 1 28 ? 1.806   10.198  14.251  1.00 0.00 ? 28 ILE A CD1  1 
ATOM 472 H H    . ILE A 1 28 ? 3.494   14.031  12.452  1.00 0.00 ? 28 ILE A H    1 
ATOM 473 H HA   . ILE A 1 28 ? 4.789   12.850  13.746  1.00 0.00 ? 28 ILE A HA   1 
ATOM 474 H HB   . ILE A 1 28 ? 3.796   10.368  12.623  1.00 0.00 ? 28 ILE A HB   1 
ATOM 475 H HG12 . ILE A 1 28 ? 2.576   12.067  14.814  1.00 0.00 ? 28 ILE A HG12 1 
ATOM 476 H HG13 . ILE A 1 28 ? 2.049   11.925  13.066  1.00 0.00 ? 28 ILE A HG13 1 
ATOM 477 H HG21 . ILE A 1 28 ? 4.377   9.526   14.760  1.00 0.00 ? 28 ILE A HG21 1 
ATOM 478 H HG22 . ILE A 1 28 ? 4.848   11.059  15.432  1.00 0.00 ? 28 ILE A HG22 1 
ATOM 479 H HG23 . ILE A 1 28 ? 5.912   10.404  14.197  1.00 0.00 ? 28 ILE A HG23 1 
ATOM 480 H HD11 . ILE A 1 28 ? 0.832   10.483  14.703  1.00 0.00 ? 28 ILE A HD11 1 
ATOM 481 H HD12 . ILE A 1 28 ? 1.656   9.607   13.323  1.00 0.00 ? 28 ILE A HD12 1 
ATOM 482 H HD13 . ILE A 1 28 ? 2.331   9.638   15.055  1.00 0.00 ? 28 ILE A HD13 1 
ATOM 483 N N    . VAL A 1 29 ? 6.992   12.964  12.818  1.00 0.00 ? 29 VAL A N    1 
ATOM 484 C CA   . VAL A 1 29 ? 8.382   12.969  12.477  1.00 0.00 ? 29 VAL A CA   1 
ATOM 485 C C    . VAL A 1 29 ? 9.162   11.938  13.345  1.00 0.00 ? 29 VAL A C    1 
ATOM 486 O O    . VAL A 1 29 ? 9.030   11.840  14.578  1.00 0.00 ? 29 VAL A O    1 
ATOM 487 C CB   . VAL A 1 29 ? 8.976   14.284  12.678  1.00 0.00 ? 29 VAL A CB   1 
ATOM 488 C CG1  . VAL A 1 29 ? 10.377  14.420  12.131  1.00 0.00 ? 29 VAL A CG1  1 
ATOM 489 C CG2  . VAL A 1 29 ? 8.184   15.399  11.983  1.00 0.00 ? 29 VAL A CG2  1 
ATOM 490 H H    . VAL A 1 29 ? 6.637   13.584  13.513  1.00 0.00 ? 29 VAL A H    1 
ATOM 491 H HA   . VAL A 1 29 ? 8.372   12.682  11.436  1.00 0.00 ? 29 VAL A HA   1 
ATOM 492 H HB   . VAL A 1 29 ? 9.034   14.491  13.767  1.00 0.00 ? 29 VAL A HB   1 
ATOM 493 H HG11 . VAL A 1 29 ? 11.086  13.714  12.615  1.00 0.00 ? 29 VAL A HG11 1 
ATOM 494 H HG12 . VAL A 1 29 ? 10.760  15.462  12.088  1.00 0.00 ? 29 VAL A HG12 1 
ATOM 495 H HG13 . VAL A 1 29 ? 10.443  14.029  11.093  1.00 0.00 ? 29 VAL A HG13 1 
ATOM 496 H HG21 . VAL A 1 29 ? 7.322   15.706  12.615  1.00 0.00 ? 29 VAL A HG21 1 
ATOM 497 H HG22 . VAL A 1 29 ? 7.792   15.094  10.990  1.00 0.00 ? 29 VAL A HG22 1 
ATOM 498 H HG23 . VAL A 1 29 ? 8.866   16.252  11.781  1.00 0.00 ? 29 VAL A HG23 1 
ATOM 499 N N    . PHE A 1 30 ? 9.955   11.093  12.694  1.00 0.00 ? 30 PHE A N    1 
ATOM 500 C CA   . PHE A 1 30 ? 10.694  10.032  13.267  1.00 0.00 ? 30 PHE A CA   1 
ATOM 501 C C    . PHE A 1 30 ? 12.209  10.425  13.417  1.00 0.00 ? 30 PHE A C    1 
ATOM 502 O O    . PHE A 1 30 ? 12.556  10.739  14.526  1.00 0.00 ? 30 PHE A O    1 
ATOM 503 C CB   . PHE A 1 30 ? 10.552  8.860   12.392  1.00 0.00 ? 30 PHE A CB   1 
ATOM 504 C CG   . PHE A 1 30 ? 9.048   8.512   12.063  1.00 0.00 ? 30 PHE A CG   1 
ATOM 505 C CD1  . PHE A 1 30 ? 8.076   8.222   13.106  1.00 0.00 ? 30 PHE A CD1  1 
ATOM 506 C CD2  . PHE A 1 30 ? 8.563   8.661   10.777  1.00 0.00 ? 30 PHE A CD2  1 
ATOM 507 C CE1  . PHE A 1 30 ? 6.802   7.814   12.830  1.00 0.00 ? 30 PHE A CE1  1 
ATOM 508 C CE2  . PHE A 1 30 ? 7.277   8.233   10.436  1.00 0.00 ? 30 PHE A CE2  1 
ATOM 509 C CZ   . PHE A 1 30 ? 6.336   7.852   11.467  1.00 0.00 ? 30 PHE A CZ   1 
ATOM 510 O OXT  . PHE A 1 30 ? 13.027  10.377  12.465  1.00 0.00 ? 30 PHE A OXT  1 
ATOM 511 H H    . PHE A 1 30 ? 10.020  11.213  11.706  1.00 0.00 ? 30 PHE A H    1 
ATOM 512 H HA   . PHE A 1 30 ? 10.308  9.738   14.232  1.00 0.00 ? 30 PHE A HA   1 
ATOM 513 H HB2  . PHE A 1 30 ? 11.033  9.009   11.401  1.00 0.00 ? 30 PHE A HB2  1 
ATOM 514 H HB3  . PHE A 1 30 ? 11.075  8.039   12.927  1.00 0.00 ? 30 PHE A HB3  1 
ATOM 515 H HD1  . PHE A 1 30 ? 8.359   8.244   14.147  1.00 0.00 ? 30 PHE A HD1  1 
ATOM 516 H HD2  . PHE A 1 30 ? 9.186   8.774   9.902   1.00 0.00 ? 30 PHE A HD2  1 
ATOM 517 H HE1  . PHE A 1 30 ? 6.111   7.543   13.615  1.00 0.00 ? 30 PHE A HE1  1 
ATOM 518 H HE2  . PHE A 1 30 ? 6.874   8.307   9.438   1.00 0.00 ? 30 PHE A HE2  1 
ATOM 519 H HZ   . PHE A 1 30 ? 5.367   7.469   11.183  1.00 0.00 ? 30 PHE A HZ   1 
# 
